data_9C02
# 
_entry.id   9C02 
# 
_audit_conform.dict_name       mmcif_pdbx.dic 
_audit_conform.dict_version    5.407 
_audit_conform.dict_location   http://mmcif.pdb.org/dictionaries/ascii/mmcif_pdbx.dic 
# 
loop_
_database_2.database_id 
_database_2.database_code 
_database_2.pdbx_database_accession 
_database_2.pdbx_DOI 
PDB   9C02         pdb_00009c02 10.2210/pdb9c02/pdb 
WWPDB D_1000283293 ?            ?                   
# 
_pdbx_audit_revision_history.ordinal             1 
_pdbx_audit_revision_history.data_content_type   'Structure model' 
_pdbx_audit_revision_history.major_revision      1 
_pdbx_audit_revision_history.minor_revision      0 
_pdbx_audit_revision_history.revision_date       2025-11-26 
_pdbx_audit_revision_history.part_number         ? 
# 
_pdbx_audit_revision_details.ordinal             1 
_pdbx_audit_revision_details.revision_ordinal    1 
_pdbx_audit_revision_details.data_content_type   'Structure model' 
_pdbx_audit_revision_details.provider            repository 
_pdbx_audit_revision_details.type                'Initial release' 
_pdbx_audit_revision_details.description         ? 
_pdbx_audit_revision_details.details             ? 
# 
_pdbx_database_status.status_code                     REL 
_pdbx_database_status.status_code_sf                  REL 
_pdbx_database_status.status_code_mr                  ? 
_pdbx_database_status.entry_id                        9C02 
_pdbx_database_status.recvd_initial_deposition_date   2024-05-24 
_pdbx_database_status.SG_entry                        N 
_pdbx_database_status.deposit_site                    RCSB 
_pdbx_database_status.process_site                    RCSB 
_pdbx_database_status.status_code_cs                  ? 
_pdbx_database_status.status_code_nmr_data            ? 
_pdbx_database_status.methods_development_category    ? 
_pdbx_database_status.pdb_format_compatible           Y 
# 
_pdbx_contact_author.id                 2 
_pdbx_contact_author.email              andyn@uic.edu 
_pdbx_contact_author.name_first         Andy 
_pdbx_contact_author.name_last          Nguyen 
_pdbx_contact_author.name_mi            I 
_pdbx_contact_author.role               'principal investigator/group leader' 
_pdbx_contact_author.identifier_ORCID   0000-0003-4137-6453 
# 
_audit_author.name               'Heinz-Kunert, S.L.' 
_audit_author.pdbx_ordinal       1 
_audit_author.identifier_ORCID   0009-0002-5884-1294 
# 
_citation.abstract                  ? 
_citation.abstract_id_CAS           ? 
_citation.book_id_ISBN              ? 
_citation.book_publisher            ? 
_citation.book_publisher_city       ? 
_citation.book_title                ? 
_citation.coordinate_linkage        ? 
_citation.country                   ? 
_citation.database_id_Medline       ? 
_citation.details                   ? 
_citation.id                        primary 
_citation.journal_abbrev            'To Be Published' 
_citation.journal_id_ASTM           ? 
_citation.journal_id_CSD            0353 
_citation.journal_id_ISSN           ? 
_citation.journal_full              ? 
_citation.journal_issue             ? 
_citation.journal_volume            ? 
_citation.language                  ? 
_citation.page_first                ? 
_citation.page_last                 ? 
_citation.title                     'Evolvable conformational diversity in assemblies of short peptides' 
_citation.year                      ? 
_citation.database_id_CSD           ? 
_citation.pdbx_database_id_DOI      ? 
_citation.pdbx_database_id_PubMed   ? 
_citation.pdbx_database_id_patent   ? 
_citation.unpublished_flag          ? 
# 
loop_
_citation_author.citation_id 
_citation_author.name 
_citation_author.ordinal 
_citation_author.identifier_ORCID 
primary 'Heinz-Kunert, S.L.' 1 0009-0002-5884-1294 
primary 'Nguyen, A.I.'       2 0000-0003-4137-6453 
# 
loop_
_entity.id 
_entity.type 
_entity.src_method 
_entity.pdbx_description 
_entity.formula_weight 
_entity.pdbx_number_of_molecules 
_entity.pdbx_ec 
_entity.pdbx_mutation 
_entity.pdbx_fragment 
_entity.details 
1 polymer     syn UIC-1                                                   943.205 1 ? ? ? ? 
2 non-polymer syn "5'-(hydrazinecarbonyl)[2,2'-bipyridine]-5-carboxamide" 257.248 1 ? ? ? ? 
3 non-polymer syn 
;ethyl 5'-formyl[2,2'-bipyridine]-5-carboxylate
;
272.256 1 ? ? ? ? 
4 non-polymer syn ORTHO-XYLENE                                            106.165 2 ? ? ? ? 
5 non-polymer syn 1,3-dimethylbenzene                                     106.165 2 ? ? ? ? 
6 water       nat water                                                   18.015  2 ? ? ? ? 
# 
_entity_poly.entity_id                      1 
_entity_poly.type                           'polypeptide(L)' 
_entity_poly.nstd_linkage                   no 
_entity_poly.nstd_monomer                   yes 
_entity_poly.pdbx_seq_one_letter_code       'L(AIB)A(AIB)LMQ(AIB)L' 
_entity_poly.pdbx_seq_one_letter_code_can   LAAALMQAL 
_entity_poly.pdbx_strand_id                 A 
_entity_poly.pdbx_target_identifier         ? 
# 
loop_
_pdbx_entity_nonpoly.entity_id 
_pdbx_entity_nonpoly.name 
_pdbx_entity_nonpoly.comp_id 
2 "5'-(hydrazinecarbonyl)[2,2'-bipyridine]-5-carboxamide" I77 
3 
;ethyl 5'-formyl[2,2'-bipyridine]-5-carboxylate
;
I6W 
4 ORTHO-XYLENE                                            OXE 
5 1,3-dimethylbenzene                                     8VH 
6 water                                                   HOH 
# 
loop_
_entity_poly_seq.entity_id 
_entity_poly_seq.num 
_entity_poly_seq.mon_id 
_entity_poly_seq.hetero 
1 1 LEU n 
1 2 AIB n 
1 3 ALA n 
1 4 AIB n 
1 5 LEU n 
1 6 MET n 
1 7 GLN n 
1 8 AIB n 
1 9 LEU n 
# 
_pdbx_entity_src_syn.entity_id              1 
_pdbx_entity_src_syn.pdbx_src_id            1 
_pdbx_entity_src_syn.pdbx_alt_source_flag   sample 
_pdbx_entity_src_syn.pdbx_beg_seq_num       1 
_pdbx_entity_src_syn.pdbx_end_seq_num       9 
_pdbx_entity_src_syn.organism_scientific    'synthetic construct' 
_pdbx_entity_src_syn.organism_common_name   ? 
_pdbx_entity_src_syn.ncbi_taxonomy_id       32630 
_pdbx_entity_src_syn.details                ? 
# 
loop_
_chem_comp.id 
_chem_comp.type 
_chem_comp.mon_nstd_flag 
_chem_comp.name 
_chem_comp.pdbx_synonyms 
_chem_comp.formula 
_chem_comp.formula_weight 
8VH non-polymer         . 1,3-dimethylbenzene                                     ? 'C8 H10'        106.165 
AIB 'L-peptide linking' n 'ALPHA-AMINOISOBUTYRIC ACID'                            ? 'C4 H9 N O2'    103.120 
ALA 'L-peptide linking' y ALANINE                                                 ? 'C3 H7 N O2'    89.093  
GLN 'L-peptide linking' y GLUTAMINE                                               ? 'C5 H10 N2 O3'  146.144 
HOH non-polymer         . WATER                                                   ? 'H2 O'          18.015  
I6W non-polymer         . 
;ethyl 5'-formyl[2,2'-bipyridine]-5-carboxylate
;
? 'C14 H12 N2 O4' 272.256 
I77 non-polymer         . "5'-(hydrazinecarbonyl)[2,2'-bipyridine]-5-carboxamide" ? 'C12 H11 N5 O2' 257.248 
LEU 'L-peptide linking' y LEUCINE                                                 ? 'C6 H13 N O2'   131.173 
MET 'L-peptide linking' y METHIONINE                                              ? 'C5 H11 N O2 S' 149.211 
OXE non-polymer         . ORTHO-XYLENE                                            ? 'C8 H10'        106.165 
# 
loop_
_pdbx_poly_seq_scheme.asym_id 
_pdbx_poly_seq_scheme.entity_id 
_pdbx_poly_seq_scheme.seq_id 
_pdbx_poly_seq_scheme.mon_id 
_pdbx_poly_seq_scheme.ndb_seq_num 
_pdbx_poly_seq_scheme.pdb_seq_num 
_pdbx_poly_seq_scheme.auth_seq_num 
_pdbx_poly_seq_scheme.pdb_mon_id 
_pdbx_poly_seq_scheme.auth_mon_id 
_pdbx_poly_seq_scheme.pdb_strand_id 
_pdbx_poly_seq_scheme.pdb_ins_code 
_pdbx_poly_seq_scheme.hetero 
A 1 1 LEU 1 2  2  LEU LEU A . n 
A 1 2 AIB 2 3  3  AIB AIB A . n 
A 1 3 ALA 3 4  4  ALA ALA A . n 
A 1 4 AIB 4 5  5  AIB AIB A . n 
A 1 5 LEU 5 6  6  LEU LEU A . n 
A 1 6 MET 6 7  7  MET MET A . n 
A 1 7 GLN 7 8  8  GLN GLN A . n 
A 1 8 AIB 8 9  9  AIB AIB A . n 
A 1 9 LEU 9 10 10 LEU LEU A . n 
# 
loop_
_pdbx_entity_instance_feature.ordinal 
_pdbx_entity_instance_feature.comp_id 
_pdbx_entity_instance_feature.asym_id 
_pdbx_entity_instance_feature.seq_num 
_pdbx_entity_instance_feature.auth_comp_id 
_pdbx_entity_instance_feature.auth_asym_id 
_pdbx_entity_instance_feature.auth_seq_num 
_pdbx_entity_instance_feature.feature_type 
_pdbx_entity_instance_feature.details 
1 I6W ? ? I6W ? ? 'SUBJECT OF INVESTIGATION' ? 
2 I77 ? ? I77 ? ? 'SUBJECT OF INVESTIGATION' ? 
3 8VH ? ? 8VH ? ? 'SUBJECT OF INVESTIGATION' ? 
4 OXE ? ? OXE ? ? 'SUBJECT OF INVESTIGATION' ? 
5 AIB ? ? AIB ? ? 'SUBJECT OF INVESTIGATION' ? 
# 
loop_
_pdbx_nonpoly_scheme.asym_id 
_pdbx_nonpoly_scheme.entity_id 
_pdbx_nonpoly_scheme.mon_id 
_pdbx_nonpoly_scheme.ndb_seq_num 
_pdbx_nonpoly_scheme.pdb_seq_num 
_pdbx_nonpoly_scheme.auth_seq_num 
_pdbx_nonpoly_scheme.pdb_mon_id 
_pdbx_nonpoly_scheme.auth_mon_id 
_pdbx_nonpoly_scheme.pdb_strand_id 
_pdbx_nonpoly_scheme.pdb_ins_code 
B 2 I77 1 101 11 I77 BPH A . 
C 3 I6W 1 102 1  I6W BPE A . 
D 4 OXE 1 103 1  OXE OXE A . 
E 5 8VH 1 104 2  8VH MXY A . 
F 5 8VH 1 105 3  8VH MXY A . 
G 4 OXE 1 106 4  OXE OXE A . 
H 6 HOH 1 201 2  HOH HOH A . 
H 6 HOH 2 202 1  HOH HOH A . 
# 
loop_
_software.citation_id 
_software.classification 
_software.compiler_name 
_software.compiler_version 
_software.contact_author 
_software.contact_author_email 
_software.date 
_software.description 
_software.dependencies 
_software.hardware 
_software.language 
_software.location 
_software.mods 
_software.name 
_software.os 
_software.os_version 
_software.type 
_software.version 
_software.pdbx_ordinal 
? refinement       ? ? ? ? ? ? ? ? ? ? ? PHENIX ? ? ? 1.20.1_4487 1 
? 'data reduction' ? ? ? ? ? ? ? ? ? ? ? XDS    ? ? ? .           2 
? 'data scaling'   ? ? ? ? ? ? ? ? ? ? ? XDS    ? ? ? .           3 
? phasing          ? ? ? ? ? ? ? ? ? ? ? PHASER ? ? ? .           4 
# 
_cell.angle_alpha                  90.000 
_cell.angle_alpha_esd              ? 
_cell.angle_beta                   97.660 
_cell.angle_beta_esd               ? 
_cell.angle_gamma                  90.000 
_cell.angle_gamma_esd              ? 
_cell.entry_id                     9C02 
_cell.details                      ? 
_cell.formula_units_Z              ? 
_cell.length_a                     13.789 
_cell.length_a_esd                 ? 
_cell.length_b                     13.388 
_cell.length_b_esd                 ? 
_cell.length_c                     27.130 
_cell.length_c_esd                 ? 
_cell.volume                       4963.699 
_cell.volume_esd                   ? 
_cell.Z_PDB                        2 
_cell.reciprocal_angle_alpha       ? 
_cell.reciprocal_angle_beta        ? 
_cell.reciprocal_angle_gamma       ? 
_cell.reciprocal_angle_alpha_esd   ? 
_cell.reciprocal_angle_beta_esd    ? 
_cell.reciprocal_angle_gamma_esd   ? 
_cell.reciprocal_length_a          ? 
_cell.reciprocal_length_b          ? 
_cell.reciprocal_length_c          ? 
_cell.reciprocal_length_a_esd      ? 
_cell.reciprocal_length_b_esd      ? 
_cell.reciprocal_length_c_esd      ? 
_cell.pdbx_unique_axis             ? 
_cell.pdbx_esd_method              ? 
# 
_symmetry.entry_id                         9C02 
_symmetry.cell_setting                     ? 
_symmetry.Int_Tables_number                4 
_symmetry.space_group_name_Hall            'P 2yb' 
_symmetry.space_group_name_H-M             'P 1 21 1' 
_symmetry.pdbx_full_space_group_name_H-M   ? 
# 
_exptl.absorpt_coefficient_mu     ? 
_exptl.absorpt_correction_T_max   ? 
_exptl.absorpt_correction_T_min   ? 
_exptl.absorpt_correction_type    ? 
_exptl.absorpt_process_details    ? 
_exptl.entry_id                   9C02 
_exptl.crystals_number            1 
_exptl.details                    ? 
_exptl.method                     'X-RAY DIFFRACTION' 
_exptl.method_details             ? 
# 
_exptl_crystal.colour                       ? 
_exptl_crystal.density_diffrn               ? 
_exptl_crystal.density_Matthews             1.37 
_exptl_crystal.density_method               ? 
_exptl_crystal.density_percent_sol          9.9 
_exptl_crystal.description                  ? 
_exptl_crystal.F_000                        ? 
_exptl_crystal.id                           1 
_exptl_crystal.preparation                  ? 
_exptl_crystal.size_max                     ? 
_exptl_crystal.size_mid                     ? 
_exptl_crystal.size_min                     ? 
_exptl_crystal.size_rad                     ? 
_exptl_crystal.colour_lustre                ? 
_exptl_crystal.colour_modifier              ? 
_exptl_crystal.colour_primary               ? 
_exptl_crystal.density_meas                 ? 
_exptl_crystal.density_meas_esd             ? 
_exptl_crystal.density_meas_gt              ? 
_exptl_crystal.density_meas_lt              ? 
_exptl_crystal.density_meas_temp            ? 
_exptl_crystal.density_meas_temp_esd        ? 
_exptl_crystal.density_meas_temp_gt         ? 
_exptl_crystal.density_meas_temp_lt         ? 
_exptl_crystal.pdbx_crystal_image_url       ? 
_exptl_crystal.pdbx_crystal_image_format    ? 
_exptl_crystal.pdbx_mosaicity               ? 
_exptl_crystal.pdbx_mosaicity_esd           ? 
_exptl_crystal.pdbx_mosaic_method           ? 
_exptl_crystal.pdbx_mosaic_block_size       ? 
_exptl_crystal.pdbx_mosaic_block_size_esd   ? 
# 
_exptl_crystal_grow.apparatus       ? 
_exptl_crystal_grow.atmosphere      ? 
_exptl_crystal_grow.crystal_id      1 
_exptl_crystal_grow.details         ? 
_exptl_crystal_grow.method          'SLOW COOLING' 
_exptl_crystal_grow.method_ref      ? 
_exptl_crystal_grow.pH              ? 
_exptl_crystal_grow.pressure        ? 
_exptl_crystal_grow.pressure_esd    ? 
_exptl_crystal_grow.seeding         ? 
_exptl_crystal_grow.seeding_ref     ? 
_exptl_crystal_grow.temp_details    ? 
_exptl_crystal_grow.temp_esd        ? 
_exptl_crystal_grow.time            ? 
_exptl_crystal_grow.pdbx_details    'acetonitrile, water' 
_exptl_crystal_grow.pdbx_pH_range   ? 
_exptl_crystal_grow.temp            298 
# 
_diffrn.ambient_environment              ? 
_diffrn.ambient_temp                     100 
_diffrn.ambient_temp_details             ? 
_diffrn.ambient_temp_esd                 ? 
_diffrn.crystal_id                       1 
_diffrn.crystal_support                  ? 
_diffrn.crystal_treatment                ? 
_diffrn.details                          ? 
_diffrn.id                               1 
_diffrn.ambient_pressure                 ? 
_diffrn.ambient_pressure_esd             ? 
_diffrn.ambient_pressure_gt              ? 
_diffrn.ambient_pressure_lt              ? 
_diffrn.ambient_temp_gt                  ? 
_diffrn.ambient_temp_lt                  ? 
_diffrn.pdbx_serial_crystal_experiment   N 
# 
_diffrn_detector.details                      ? 
_diffrn_detector.detector                     PIXEL 
_diffrn_detector.diffrn_id                    1 
_diffrn_detector.type                         'DECTRIS EIGER X 9M' 
_diffrn_detector.area_resol_mean              ? 
_diffrn_detector.dtime                        ? 
_diffrn_detector.pdbx_frames_total            ? 
_diffrn_detector.pdbx_collection_time_total   ? 
_diffrn_detector.pdbx_collection_date         2023-09-26 
_diffrn_detector.pdbx_frequency               ? 
_diffrn_detector.id                           ? 
_diffrn_detector.number_of_axes               ? 
# 
_diffrn_radiation.collimation                      ? 
_diffrn_radiation.diffrn_id                        1 
_diffrn_radiation.filter_edge                      ? 
_diffrn_radiation.inhomogeneity                    ? 
_diffrn_radiation.monochromator                    ? 
_diffrn_radiation.polarisn_norm                    ? 
_diffrn_radiation.polarisn_ratio                   ? 
_diffrn_radiation.probe                            ? 
_diffrn_radiation.type                             ? 
_diffrn_radiation.xray_symbol                      ? 
_diffrn_radiation.wavelength_id                    1 
_diffrn_radiation.pdbx_monochromatic_or_laue_m_l   M 
_diffrn_radiation.pdbx_wavelength_list             ? 
_diffrn_radiation.pdbx_wavelength                  ? 
_diffrn_radiation.pdbx_diffrn_protocol             'SINGLE WAVELENGTH' 
_diffrn_radiation.pdbx_analyzer                    ? 
_diffrn_radiation.pdbx_scattering_type             x-ray 
# 
_diffrn_radiation_wavelength.id           1 
_diffrn_radiation_wavelength.wavelength   0.688801 
_diffrn_radiation_wavelength.wt           1.0 
# 
_diffrn_source.current                     ? 
_diffrn_source.details                     ? 
_diffrn_source.diffrn_id                   1 
_diffrn_source.power                       ? 
_diffrn_source.size                        ? 
_diffrn_source.source                      SYNCHROTRON 
_diffrn_source.target                      ? 
_diffrn_source.type                        'MAX IV BEAMLINE BioMAX' 
_diffrn_source.voltage                     ? 
_diffrn_source.take-off_angle              ? 
_diffrn_source.pdbx_wavelength_list        0.688801 
_diffrn_source.pdbx_wavelength             ? 
_diffrn_source.pdbx_synchrotron_beamline   BioMAX 
_diffrn_source.pdbx_synchrotron_site       'MAX IV' 
# 
_reflns.B_iso_Wilson_estimate                          5.66 
_reflns.entry_id                                       9C02 
_reflns.data_reduction_details                         ? 
_reflns.data_reduction_method                          ? 
_reflns.d_resolution_high                              0.97 
_reflns.d_resolution_low                               12.9 
_reflns.details                                        ? 
_reflns.limit_h_max                                    ? 
_reflns.limit_h_min                                    ? 
_reflns.limit_k_max                                    ? 
_reflns.limit_k_min                                    ? 
_reflns.limit_l_max                                    ? 
_reflns.limit_l_min                                    ? 
_reflns.number_all                                     ? 
_reflns.number_obs                                     5048 
_reflns.observed_criterion                             ? 
_reflns.observed_criterion_F_max                       ? 
_reflns.observed_criterion_F_min                       ? 
_reflns.observed_criterion_I_max                       ? 
_reflns.observed_criterion_I_min                       ? 
_reflns.observed_criterion_sigma_F                     ? 
_reflns.observed_criterion_sigma_I                     ? 
_reflns.percent_possible_obs                           84.07 
_reflns.R_free_details                                 ? 
_reflns.Rmerge_F_all                                   ? 
_reflns.Rmerge_F_obs                                   ? 
_reflns.Friedel_coverage                               ? 
_reflns.number_gt                                      ? 
_reflns.threshold_expression                           ? 
_reflns.pdbx_redundancy                                6.3 
_reflns.pdbx_netI_over_av_sigmaI                       ? 
_reflns.pdbx_netI_over_sigmaI                          28.55 
_reflns.pdbx_res_netI_over_av_sigmaI_2                 ? 
_reflns.pdbx_res_netI_over_sigmaI_2                    ? 
_reflns.pdbx_chi_squared                               ? 
_reflns.pdbx_scaling_rejects                           ? 
_reflns.pdbx_d_res_high_opt                            ? 
_reflns.pdbx_d_res_low_opt                             ? 
_reflns.pdbx_d_res_opt_method                          ? 
_reflns.phase_calculation_details                      ? 
_reflns.pdbx_Rrim_I_all                                ? 
_reflns.pdbx_Rpim_I_all                                ? 
_reflns.pdbx_d_opt                                     ? 
_reflns.pdbx_number_measured_all                       ? 
_reflns.pdbx_diffrn_id                                 1 
_reflns.pdbx_ordinal                                   1 
_reflns.pdbx_CC_half                                   0.999 
_reflns.pdbx_CC_star                                   ? 
_reflns.pdbx_R_split                                   ? 
_reflns.pdbx_Rmerge_I_obs                              ? 
_reflns.pdbx_Rmerge_I_all                              ? 
_reflns.pdbx_Rsym_value                                ? 
_reflns.pdbx_CC_split_method                           ? 
_reflns.pdbx_aniso_diffraction_limit_axis_1_ortho[1]   ? 
_reflns.pdbx_aniso_diffraction_limit_axis_1_ortho[2]   ? 
_reflns.pdbx_aniso_diffraction_limit_axis_1_ortho[3]   ? 
_reflns.pdbx_aniso_diffraction_limit_axis_2_ortho[1]   ? 
_reflns.pdbx_aniso_diffraction_limit_axis_2_ortho[2]   ? 
_reflns.pdbx_aniso_diffraction_limit_axis_2_ortho[3]   ? 
_reflns.pdbx_aniso_diffraction_limit_axis_3_ortho[1]   ? 
_reflns.pdbx_aniso_diffraction_limit_axis_3_ortho[2]   ? 
_reflns.pdbx_aniso_diffraction_limit_axis_3_ortho[3]   ? 
_reflns.pdbx_aniso_diffraction_limit_1                 ? 
_reflns.pdbx_aniso_diffraction_limit_2                 ? 
_reflns.pdbx_aniso_diffraction_limit_3                 ? 
_reflns.pdbx_aniso_B_tensor_eigenvector_1_ortho[1]     ? 
_reflns.pdbx_aniso_B_tensor_eigenvector_1_ortho[2]     ? 
_reflns.pdbx_aniso_B_tensor_eigenvector_1_ortho[3]     ? 
_reflns.pdbx_aniso_B_tensor_eigenvector_2_ortho[1]     ? 
_reflns.pdbx_aniso_B_tensor_eigenvector_2_ortho[2]     ? 
_reflns.pdbx_aniso_B_tensor_eigenvector_2_ortho[3]     ? 
_reflns.pdbx_aniso_B_tensor_eigenvector_3_ortho[1]     ? 
_reflns.pdbx_aniso_B_tensor_eigenvector_3_ortho[2]     ? 
_reflns.pdbx_aniso_B_tensor_eigenvector_3_ortho[3]     ? 
_reflns.pdbx_aniso_B_tensor_eigenvalue_1               ? 
_reflns.pdbx_aniso_B_tensor_eigenvalue_2               ? 
_reflns.pdbx_aniso_B_tensor_eigenvalue_3               ? 
_reflns.pdbx_orthogonalization_convention              ? 
_reflns.pdbx_percent_possible_ellipsoidal              ? 
_reflns.pdbx_percent_possible_spherical                ? 
_reflns.pdbx_percent_possible_ellipsoidal_anomalous    ? 
_reflns.pdbx_percent_possible_spherical_anomalous      ? 
_reflns.pdbx_redundancy_anomalous                      ? 
_reflns.pdbx_CC_half_anomalous                         ? 
_reflns.pdbx_absDiff_over_sigma_anomalous              ? 
_reflns.pdbx_percent_possible_anomalous                ? 
_reflns.pdbx_observed_signal_threshold                 ? 
_reflns.pdbx_signal_type                               ? 
_reflns.pdbx_signal_details                            ? 
_reflns.pdbx_signal_software_id                        ? 
# 
_reflns_shell.d_res_high                                    0.97 
_reflns_shell.d_res_low                                     1.005 
_reflns_shell.meanI_over_sigI_all                           ? 
_reflns_shell.meanI_over_sigI_obs                           ? 
_reflns_shell.number_measured_all                           ? 
_reflns_shell.number_measured_obs                           ? 
_reflns_shell.number_possible                               ? 
_reflns_shell.number_unique_all                             ? 
_reflns_shell.number_unique_obs                             442 
_reflns_shell.percent_possible_obs                          ? 
_reflns_shell.Rmerge_F_all                                  ? 
_reflns_shell.Rmerge_F_obs                                  ? 
_reflns_shell.meanI_over_sigI_gt                            ? 
_reflns_shell.meanI_over_uI_all                             ? 
_reflns_shell.meanI_over_uI_gt                              ? 
_reflns_shell.number_measured_gt                            ? 
_reflns_shell.number_unique_gt                              ? 
_reflns_shell.percent_possible_gt                           ? 
_reflns_shell.Rmerge_F_gt                                   ? 
_reflns_shell.Rmerge_I_gt                                   ? 
_reflns_shell.pdbx_redundancy                               ? 
_reflns_shell.pdbx_chi_squared                              ? 
_reflns_shell.pdbx_netI_over_sigmaI_all                     ? 
_reflns_shell.pdbx_netI_over_sigmaI_obs                     ? 
_reflns_shell.pdbx_Rrim_I_all                               ? 
_reflns_shell.pdbx_Rpim_I_all                               ? 
_reflns_shell.pdbx_rejects                                  ? 
_reflns_shell.pdbx_ordinal                                  1 
_reflns_shell.pdbx_diffrn_id                                1 
_reflns_shell.pdbx_CC_half                                  0.999 
_reflns_shell.pdbx_CC_star                                  ? 
_reflns_shell.pdbx_R_split                                  ? 
_reflns_shell.percent_possible_all                          ? 
_reflns_shell.Rmerge_I_all                                  ? 
_reflns_shell.Rmerge_I_obs                                  ? 
_reflns_shell.pdbx_Rsym_value                               ? 
_reflns_shell.pdbx_percent_possible_ellipsoidal             ? 
_reflns_shell.pdbx_percent_possible_spherical               ? 
_reflns_shell.pdbx_percent_possible_ellipsoidal_anomalous   ? 
_reflns_shell.pdbx_percent_possible_spherical_anomalous     ? 
_reflns_shell.pdbx_redundancy_anomalous                     ? 
_reflns_shell.pdbx_CC_half_anomalous                        ? 
_reflns_shell.pdbx_absDiff_over_sigma_anomalous             ? 
_reflns_shell.pdbx_percent_possible_anomalous               ? 
# 
_refine.aniso_B[1][1]                            ? 
_refine.aniso_B[1][2]                            ? 
_refine.aniso_B[1][3]                            ? 
_refine.aniso_B[2][2]                            ? 
_refine.aniso_B[2][3]                            ? 
_refine.aniso_B[3][3]                            ? 
_refine.B_iso_max                                ? 
_refine.B_iso_mean                               9.29 
_refine.B_iso_min                                ? 
_refine.correlation_coeff_Fo_to_Fc               ? 
_refine.correlation_coeff_Fo_to_Fc_free          ? 
_refine.details                                  ? 
_refine.diff_density_max                         ? 
_refine.diff_density_max_esd                     ? 
_refine.diff_density_min                         ? 
_refine.diff_density_min_esd                     ? 
_refine.diff_density_rms                         ? 
_refine.diff_density_rms_esd                     ? 
_refine.entry_id                                 9C02 
_refine.pdbx_refine_id                           'X-RAY DIFFRACTION' 
_refine.ls_abs_structure_details                 ? 
_refine.ls_abs_structure_Flack                   ? 
_refine.ls_abs_structure_Flack_esd               ? 
_refine.ls_abs_structure_Rogers                  ? 
_refine.ls_abs_structure_Rogers_esd              ? 
_refine.ls_d_res_high                            0.97 
_refine.ls_d_res_low                             12.90 
_refine.ls_extinction_coef                       ? 
_refine.ls_extinction_coef_esd                   ? 
_refine.ls_extinction_expression                 ? 
_refine.ls_extinction_method                     ? 
_refine.ls_goodness_of_fit_all                   ? 
_refine.ls_goodness_of_fit_all_esd               ? 
_refine.ls_goodness_of_fit_obs                   ? 
_refine.ls_goodness_of_fit_obs_esd               ? 
_refine.ls_hydrogen_treatment                    ? 
_refine.ls_matrix_type                           ? 
_refine.ls_number_constraints                    ? 
_refine.ls_number_parameters                     ? 
_refine.ls_number_reflns_all                     ? 
_refine.ls_number_reflns_obs                     5048 
_refine.ls_number_reflns_R_free                  950 
_refine.ls_number_reflns_R_work                  8455 
_refine.ls_number_restraints                     ? 
_refine.ls_percent_reflns_obs                    82.66 
_refine.ls_percent_reflns_R_free                 10.10 
_refine.ls_R_factor_all                          ? 
_refine.ls_R_factor_obs                          0.0986 
_refine.ls_R_factor_R_free                       0.1000 
_refine.ls_R_factor_R_free_error                 ? 
_refine.ls_R_factor_R_free_error_details         ? 
_refine.ls_R_factor_R_work                       0.0810 
_refine.ls_R_Fsqd_factor_obs                     ? 
_refine.ls_R_I_factor_obs                        ? 
_refine.ls_redundancy_reflns_all                 ? 
_refine.ls_redundancy_reflns_obs                 ? 
_refine.ls_restrained_S_all                      ? 
_refine.ls_restrained_S_obs                      ? 
_refine.ls_shift_over_esd_max                    ? 
_refine.ls_shift_over_esd_mean                   ? 
_refine.ls_structure_factor_coef                 ? 
_refine.ls_weighting_details                     ? 
_refine.ls_weighting_scheme                      ? 
_refine.ls_wR_factor_all                         ? 
_refine.ls_wR_factor_obs                         ? 
_refine.ls_wR_factor_R_free                      ? 
_refine.ls_wR_factor_R_work                      ? 
_refine.occupancy_max                            ? 
_refine.occupancy_min                            ? 
_refine.solvent_model_details                    'FLAT BULK SOLVENT MODEL' 
_refine.solvent_model_param_bsol                 ? 
_refine.solvent_model_param_ksol                 ? 
_refine.pdbx_R_complete                          ? 
_refine.ls_R_factor_gt                           ? 
_refine.ls_goodness_of_fit_gt                    ? 
_refine.ls_goodness_of_fit_ref                   ? 
_refine.ls_shift_over_su_max                     ? 
_refine.ls_shift_over_su_max_lt                  ? 
_refine.ls_shift_over_su_mean                    ? 
_refine.ls_shift_over_su_mean_lt                 ? 
_refine.pdbx_ls_sigma_I                          ? 
_refine.pdbx_ls_sigma_F                          1.36 
_refine.pdbx_ls_sigma_Fsqd                       ? 
_refine.pdbx_data_cutoff_high_absF               ? 
_refine.pdbx_data_cutoff_high_rms_absF           ? 
_refine.pdbx_data_cutoff_low_absF                ? 
_refine.pdbx_isotropic_thermal_model             ? 
_refine.pdbx_ls_cross_valid_method               'FREE R-VALUE' 
_refine.pdbx_method_to_determine_struct          'MOLECULAR REPLACEMENT' 
_refine.pdbx_starting_model                      ? 
_refine.pdbx_stereochemistry_target_values       'GeoStd + Monomer Library + CDL v1.2' 
_refine.pdbx_R_Free_selection_details            ? 
_refine.pdbx_stereochem_target_val_spec_case     ? 
_refine.pdbx_overall_ESU_R                       ? 
_refine.pdbx_overall_ESU_R_Free                  ? 
_refine.pdbx_solvent_vdw_probe_radii             1.1000 
_refine.pdbx_solvent_ion_probe_radii             ? 
_refine.pdbx_solvent_shrinkage_radii             0.9000 
_refine.pdbx_real_space_R                        ? 
_refine.pdbx_density_correlation                 ? 
_refine.pdbx_pd_number_of_powder_patterns        ? 
_refine.pdbx_pd_number_of_points                 ? 
_refine.pdbx_pd_meas_number_of_points            ? 
_refine.pdbx_pd_proc_ls_prof_R_factor            ? 
_refine.pdbx_pd_proc_ls_prof_wR_factor           ? 
_refine.pdbx_pd_Marquardt_correlation_coeff      ? 
_refine.pdbx_pd_Fsqrd_R_factor                   ? 
_refine.pdbx_pd_ls_matrix_band_width             ? 
_refine.pdbx_overall_phase_error                 11.6940 
_refine.pdbx_overall_SU_R_free_Cruickshank_DPI   ? 
_refine.pdbx_overall_SU_R_free_Blow_DPI          ? 
_refine.pdbx_overall_SU_R_Blow_DPI               ? 
_refine.pdbx_TLS_residual_ADP_flag               ? 
_refine.pdbx_diffrn_id                           1 
_refine.overall_SU_B                             ? 
_refine.overall_SU_ML                            0.0610 
_refine.overall_SU_R_Cruickshank_DPI             ? 
_refine.overall_SU_R_free                        ? 
_refine.overall_FOM_free_R_set                   ? 
_refine.overall_FOM_work_R_set                   ? 
_refine.pdbx_average_fsc_overall                 ? 
_refine.pdbx_average_fsc_work                    ? 
_refine.pdbx_average_fsc_free                    ? 
# 
_refine_hist.pdbx_refine_id                   'X-RAY DIFFRACTION' 
_refine_hist.cycle_id                         LAST 
_refine_hist.details                          ? 
_refine_hist.d_res_high                       0.97 
_refine_hist.d_res_low                        12.90 
_refine_hist.number_atoms_solvent             2 
_refine_hist.number_atoms_total               136 
_refine_hist.number_reflns_all                ? 
_refine_hist.number_reflns_obs                ? 
_refine_hist.number_reflns_R_free             ? 
_refine_hist.number_reflns_R_work             ? 
_refine_hist.R_factor_all                     ? 
_refine_hist.R_factor_obs                     ? 
_refine_hist.R_factor_R_free                  ? 
_refine_hist.R_factor_R_work                  ? 
_refine_hist.pdbx_number_residues_total       ? 
_refine_hist.pdbx_B_iso_mean_ligand           ? 
_refine_hist.pdbx_B_iso_mean_solvent          ? 
_refine_hist.pdbx_number_atoms_protein        83 
_refine_hist.pdbx_number_atoms_nucleic_acid   0 
_refine_hist.pdbx_number_atoms_ligand         51 
_refine_hist.pdbx_number_atoms_lipid          ? 
_refine_hist.pdbx_number_atoms_carb           ? 
_refine_hist.pdbx_pseudo_atom_details         ? 
# 
loop_
_refine_ls_restr.pdbx_refine_id 
_refine_ls_restr.criterion 
_refine_ls_restr.dev_ideal 
_refine_ls_restr.dev_ideal_target 
_refine_ls_restr.number 
_refine_ls_restr.rejects 
_refine_ls_restr.type 
_refine_ls_restr.weight 
_refine_ls_restr.pdbx_restraint_function 
'X-RAY DIFFRACTION' ? 0.0125  ? 172 ? f_bond_d           ? ? 
'X-RAY DIFFRACTION' ? 1.8565  ? 232 ? f_angle_d          ? ? 
'X-RAY DIFFRACTION' ? 0.0689  ? 12  ? f_chiral_restr     ? ? 
'X-RAY DIFFRACTION' ? 0.0070  ? 26  ? f_plane_restr      ? ? 
'X-RAY DIFFRACTION' ? 37.1874 ? 25  ? f_dihedral_angle_d ? ? 
# 
loop_
_refine_ls_shell.pdbx_refine_id 
_refine_ls_shell.d_res_high 
_refine_ls_shell.d_res_low 
_refine_ls_shell.number_reflns_all 
_refine_ls_shell.number_reflns_obs 
_refine_ls_shell.number_reflns_R_free 
_refine_ls_shell.number_reflns_R_work 
_refine_ls_shell.percent_reflns_obs 
_refine_ls_shell.percent_reflns_R_free 
_refine_ls_shell.R_factor_all 
_refine_ls_shell.R_factor_obs 
_refine_ls_shell.R_factor_R_free_error 
_refine_ls_shell.R_factor_R_work 
_refine_ls_shell.redundancy_reflns_all 
_refine_ls_shell.redundancy_reflns_obs 
_refine_ls_shell.wR_factor_all 
_refine_ls_shell.wR_factor_obs 
_refine_ls_shell.wR_factor_R_free 
_refine_ls_shell.wR_factor_R_work 
_refine_ls_shell.pdbx_R_complete 
_refine_ls_shell.pdbx_total_number_of_bins_used 
_refine_ls_shell.pdbx_phase_error 
_refine_ls_shell.pdbx_fsc_work 
_refine_ls_shell.pdbx_fsc_free 
_refine_ls_shell.R_factor_R_free 
'X-RAY DIFFRACTION' 0.97 1.02  . . 114 1007 69.63 . . . . 0.1025 . . . . . . . . . . . 0.1353 
'X-RAY DIFFRACTION' 1.02 1.09  . . 125 1113 76.51 . . . . 0.0924 . . . . . . . . . . . 0.1227 
'X-RAY DIFFRACTION' 1.09 1.16  . . 146 1279 91.58 . . . . 0.0727 . . . . . . . . . . . 0.1102 
'X-RAY DIFFRACTION' 1.17 1.29  . . 143 1269 87.54 . . . . 0.0764 . . . . . . . . . . . 0.0960 
'X-RAY DIFFRACTION' 1.29 1.47  . . 129 1182 80.93 . . . . 0.0788 . . . . . . . . . . . 0.0913 
'X-RAY DIFFRACTION' 1.47 1.85  . . 155 1336 92.61 . . . . 0.0770 . . . . . . . . . . . 0.1030 
'X-RAY DIFFRACTION' 1.85 12.90 . . 138 1269 85.74 . . . . 0.0828 . . . . . . . . . . . 0.0911 
# 
_struct.entry_id                     9C02 
_struct.title                        'UIC-1 B7M soaked with equimolar ortho-, meta-, and para-xylene' 
_struct.pdbx_model_details           ? 
_struct.pdbx_formula_weight          ? 
_struct.pdbx_formula_weight_method   ? 
_struct.pdbx_model_type_details      ? 
_struct.pdbx_CASP_flag               N 
# 
_struct_keywords.entry_id        9C02 
_struct_keywords.text            'synthetic construct, DE NOVO PROTEIN' 
_struct_keywords.pdbx_keywords   'DE NOVO PROTEIN' 
# 
loop_
_struct_asym.id 
_struct_asym.pdbx_blank_PDB_chainid_flag 
_struct_asym.pdbx_modified 
_struct_asym.entity_id 
_struct_asym.details 
A N N 1 ? 
B N N 2 ? 
C N N 3 ? 
D N N 4 ? 
E N N 5 ? 
F N N 5 ? 
G N N 4 ? 
H N N 6 ? 
# 
_struct_ref.id                         1 
_struct_ref.db_name                    PDB 
_struct_ref.db_code                    9C02 
_struct_ref.pdbx_db_accession          9C02 
_struct_ref.pdbx_db_isoform            ? 
_struct_ref.entity_id                  1 
_struct_ref.pdbx_seq_one_letter_code   ? 
_struct_ref.pdbx_align_begin           1 
# 
_struct_ref_seq.align_id                      1 
_struct_ref_seq.ref_id                        1 
_struct_ref_seq.pdbx_PDB_id_code              9C02 
_struct_ref_seq.pdbx_strand_id                A 
_struct_ref_seq.seq_align_beg                 1 
_struct_ref_seq.pdbx_seq_align_beg_ins_code   ? 
_struct_ref_seq.seq_align_end                 9 
_struct_ref_seq.pdbx_seq_align_end_ins_code   ? 
_struct_ref_seq.pdbx_db_accession             9C02 
_struct_ref_seq.db_align_beg                  2 
_struct_ref_seq.pdbx_db_align_beg_ins_code    ? 
_struct_ref_seq.db_align_end                  10 
_struct_ref_seq.pdbx_db_align_end_ins_code    ? 
_struct_ref_seq.pdbx_auth_seq_align_beg       2 
_struct_ref_seq.pdbx_auth_seq_align_end       10 
# 
_pdbx_struct_assembly.id                   1 
_pdbx_struct_assembly.details              author_and_software_defined_assembly 
_pdbx_struct_assembly.method_details       PISA 
_pdbx_struct_assembly.oligomeric_details   monomeric 
_pdbx_struct_assembly.oligomeric_count     1 
# 
_pdbx_struct_assembly_gen.assembly_id       1 
_pdbx_struct_assembly_gen.oper_expression   1 
_pdbx_struct_assembly_gen.asym_id_list      A,B,C,D,E,F,G,H 
# 
_pdbx_struct_oper_list.id                   1 
_pdbx_struct_oper_list.type                 'identity operation' 
_pdbx_struct_oper_list.name                 1_555 
_pdbx_struct_oper_list.symmetry_operation   x,y,z 
_pdbx_struct_oper_list.matrix[1][1]         1.0000000000 
_pdbx_struct_oper_list.matrix[1][2]         0.0000000000 
_pdbx_struct_oper_list.matrix[1][3]         0.0000000000 
_pdbx_struct_oper_list.vector[1]            0.0000000000 
_pdbx_struct_oper_list.matrix[2][1]         0.0000000000 
_pdbx_struct_oper_list.matrix[2][2]         1.0000000000 
_pdbx_struct_oper_list.matrix[2][3]         0.0000000000 
_pdbx_struct_oper_list.vector[2]            0.0000000000 
_pdbx_struct_oper_list.matrix[3][1]         0.0000000000 
_pdbx_struct_oper_list.matrix[3][2]         0.0000000000 
_pdbx_struct_oper_list.matrix[3][3]         1.0000000000 
_pdbx_struct_oper_list.vector[3]            0.0000000000 
# 
_struct_conf.conf_type_id            HELX_P 
_struct_conf.id                      HELX_P1 
_struct_conf.pdbx_PDB_helix_id       AA1 
_struct_conf.beg_label_comp_id       LEU 
_struct_conf.beg_label_asym_id       A 
_struct_conf.beg_label_seq_id        1 
_struct_conf.pdbx_beg_PDB_ins_code   ? 
_struct_conf.end_label_comp_id       GLN 
_struct_conf.end_label_asym_id       A 
_struct_conf.end_label_seq_id        7 
_struct_conf.pdbx_end_PDB_ins_code   ? 
_struct_conf.beg_auth_comp_id        LEU 
_struct_conf.beg_auth_asym_id        A 
_struct_conf.beg_auth_seq_id         2 
_struct_conf.end_auth_comp_id        GLN 
_struct_conf.end_auth_asym_id        A 
_struct_conf.end_auth_seq_id         8 
_struct_conf.pdbx_PDB_helix_class    1 
_struct_conf.details                 ? 
_struct_conf.pdbx_PDB_helix_length   7 
# 
_struct_conf_type.id          HELX_P 
_struct_conf_type.criteria    ? 
_struct_conf_type.reference   ? 
# 
loop_
_struct_conn.id 
_struct_conn.conn_type_id 
_struct_conn.pdbx_leaving_atom_flag 
_struct_conn.pdbx_PDB_id 
_struct_conn.ptnr1_label_asym_id 
_struct_conn.ptnr1_label_comp_id 
_struct_conn.ptnr1_label_seq_id 
_struct_conn.ptnr1_label_atom_id 
_struct_conn.pdbx_ptnr1_label_alt_id 
_struct_conn.pdbx_ptnr1_PDB_ins_code 
_struct_conn.pdbx_ptnr1_standard_comp_id 
_struct_conn.ptnr1_symmetry 
_struct_conn.ptnr2_label_asym_id 
_struct_conn.ptnr2_label_comp_id 
_struct_conn.ptnr2_label_seq_id 
_struct_conn.ptnr2_label_atom_id 
_struct_conn.pdbx_ptnr2_label_alt_id 
_struct_conn.pdbx_ptnr2_PDB_ins_code 
_struct_conn.ptnr1_auth_asym_id 
_struct_conn.ptnr1_auth_comp_id 
_struct_conn.ptnr1_auth_seq_id 
_struct_conn.ptnr2_auth_asym_id 
_struct_conn.ptnr2_auth_comp_id 
_struct_conn.ptnr2_auth_seq_id 
_struct_conn.ptnr2_symmetry 
_struct_conn.pdbx_ptnr3_label_atom_id 
_struct_conn.pdbx_ptnr3_label_seq_id 
_struct_conn.pdbx_ptnr3_label_comp_id 
_struct_conn.pdbx_ptnr3_label_asym_id 
_struct_conn.pdbx_ptnr3_label_alt_id 
_struct_conn.pdbx_ptnr3_PDB_ins_code 
_struct_conn.details 
_struct_conn.pdbx_dist_value 
_struct_conn.pdbx_value_order 
_struct_conn.pdbx_role 
covale1  covale both ? A LEU 1 C ? ? ? 1_555 A AIB 2 N   ? ? A LEU 2  A AIB 3   1_555 ? ? ? ? ? ? ? 1.338 ? ? 
covale2  covale both ? A LEU 1 N ? ? ? 1_555 C I6W . C02 A ? A LEU 2  A I6W 102 1_555 ? ? ? ? ? ? ? 1.415 ? ? 
covale3  covale both ? A LEU 1 N ? ? ? 1_555 C I6W . C02 B ? A LEU 2  A I6W 102 1_555 ? ? ? ? ? ? ? 1.428 ? ? 
covale4  covale both ? A AIB 2 C ? ? ? 1_555 A ALA 3 N   ? ? A AIB 3  A ALA 4   1_555 ? ? ? ? ? ? ? 1.336 ? ? 
covale5  covale both ? A ALA 3 C ? ? ? 1_555 A AIB 4 N   ? ? A ALA 4  A AIB 5   1_555 ? ? ? ? ? ? ? 1.332 ? ? 
covale6  covale both ? A AIB 4 C ? ? ? 1_555 A LEU 5 N   ? ? A AIB 5  A LEU 6   1_555 ? ? ? ? ? ? ? 1.331 ? ? 
covale7  covale both ? A GLN 7 C ? ? ? 1_555 A AIB 8 N   ? ? A GLN 8  A AIB 9   1_555 ? ? ? ? ? ? ? 1.334 ? ? 
covale8  covale both ? A AIB 8 C ? ? ? 1_555 A LEU 9 N   A ? A AIB 9  A LEU 10  1_555 ? ? ? ? ? ? ? 1.340 ? ? 
covale9  covale both ? A AIB 8 C ? ? ? 1_555 A LEU 9 N   B ? A AIB 9  A LEU 10  1_555 ? ? ? ? ? ? ? 1.328 ? ? 
covale10 covale both ? A LEU 9 C A ? ? 1_555 B I77 . N15 ? ? A LEU 10 A I77 101 1_555 ? ? ? ? ? ? ? 1.420 ? ? 
covale11 covale both ? A LEU 9 C B ? ? 1_555 B I77 . N15 ? ? A LEU 10 A I77 101 1_555 ? ? ? ? ? ? ? 1.431 ? ? 
# 
_struct_conn_type.id          covale 
_struct_conn_type.criteria    ? 
_struct_conn_type.reference   ? 
# 
loop_
_pdbx_modification_feature.ordinal 
_pdbx_modification_feature.label_comp_id 
_pdbx_modification_feature.label_asym_id 
_pdbx_modification_feature.label_seq_id 
_pdbx_modification_feature.label_alt_id 
_pdbx_modification_feature.modified_residue_label_comp_id 
_pdbx_modification_feature.modified_residue_label_asym_id 
_pdbx_modification_feature.modified_residue_label_seq_id 
_pdbx_modification_feature.modified_residue_label_alt_id 
_pdbx_modification_feature.auth_comp_id 
_pdbx_modification_feature.auth_asym_id 
_pdbx_modification_feature.auth_seq_id 
_pdbx_modification_feature.PDB_ins_code 
_pdbx_modification_feature.symmetry 
_pdbx_modification_feature.modified_residue_auth_comp_id 
_pdbx_modification_feature.modified_residue_auth_asym_id 
_pdbx_modification_feature.modified_residue_auth_seq_id 
_pdbx_modification_feature.modified_residue_PDB_ins_code 
_pdbx_modification_feature.modified_residue_symmetry 
_pdbx_modification_feature.comp_id_linking_atom 
_pdbx_modification_feature.modified_residue_id_linking_atom 
_pdbx_modification_feature.modified_residue_id 
_pdbx_modification_feature.ref_pcm_id 
_pdbx_modification_feature.ref_comp_id 
_pdbx_modification_feature.type 
_pdbx_modification_feature.category 
1 AIB A 2 ? .   . . . AIB A 3   ? 1_555 .   . .  . .     .   . ALA 1 AIB Methylation 'Named protein modification'     
2 AIB A 4 ? .   . . . AIB A 5   ? 1_555 .   . .  . .     .   . ALA 1 AIB Methylation 'Named protein modification'     
3 AIB A 8 ? .   . . . AIB A 9   ? 1_555 .   . .  . .     .   . ALA 1 AIB Methylation 'Named protein modification'     
4 I77 B . ? LEU A 9 A I77 A 101 ? 1_555 LEU A 10 ? 1_555 N15 C LEU 1 I77 None        'Covalent chemical modification' 
5 I77 B . ? LEU A 9 B I77 A 101 ? 1_555 LEU A 10 ? 1_555 N15 C LEU 1 I77 None        'Covalent chemical modification' 
6 I6W C . A LEU A 1 ? I6W A 102 ? 1_555 LEU A 2  ? 1_555 C02 N LEU 1 I6W None        'Covalent chemical modification' 
7 I6W C . B LEU A 1 ? I6W A 102 ? 1_555 LEU A 2  ? 1_555 C02 N LEU 1 I6W None        'Covalent chemical modification' 
# 
_pdbx_entry_details.entry_id                   9C02 
_pdbx_entry_details.nonpolymer_details         ? 
_pdbx_entry_details.sequence_details           ? 
_pdbx_entry_details.compound_details           ? 
_pdbx_entry_details.source_details             ? 
_pdbx_entry_details.has_ligand_of_interest     Y 
_pdbx_entry_details.has_protein_modification   Y 
# 
loop_
_space_group_symop.id 
_space_group_symop.operation_xyz 
1 x,y,z       
2 -x,y+1/2,-z 
# 
_pdbx_distant_solvent_atoms.id                                1 
_pdbx_distant_solvent_atoms.PDB_model_num                     1 
_pdbx_distant_solvent_atoms.auth_atom_id                      O 
_pdbx_distant_solvent_atoms.label_alt_id                      ? 
_pdbx_distant_solvent_atoms.auth_asym_id                      A 
_pdbx_distant_solvent_atoms.auth_comp_id                      HOH 
_pdbx_distant_solvent_atoms.auth_seq_id                       202 
_pdbx_distant_solvent_atoms.PDB_ins_code                      ? 
_pdbx_distant_solvent_atoms.neighbor_macromolecule_distance   7.96 
_pdbx_distant_solvent_atoms.neighbor_ligand_distance          . 
# 
loop_
_chem_comp_atom.comp_id 
_chem_comp_atom.atom_id 
_chem_comp_atom.type_symbol 
_chem_comp_atom.pdbx_aromatic_flag 
_chem_comp_atom.pdbx_stereo_config 
_chem_comp_atom.pdbx_ordinal 
8VH C01    C Y N 1   
8VH C02    C Y N 2   
8VH C03    C Y N 3   
8VH C04    C Y N 4   
8VH C05    C Y N 5   
8VH C06    C Y N 6   
8VH C07    C N N 7   
8VH C08    C N N 8   
8VH H1     H N N 9   
8VH H2     H N N 10  
8VH H3     H N N 11  
8VH H4     H N N 12  
8VH H5     H N N 13  
8VH H6     H N N 14  
8VH H7     H N N 15  
8VH H8     H N N 16  
8VH H9     H N N 17  
8VH H10    H N N 18  
AIB N      N N N 19  
AIB CA     C N N 20  
AIB C      C N N 21  
AIB O      O N N 22  
AIB OXT    O N N 23  
AIB CB1    C N N 24  
AIB CB2    C N N 25  
AIB H      H N N 26  
AIB H2     H N N 27  
AIB HXT    H N N 28  
AIB HB11   H N N 29  
AIB HB12   H N N 30  
AIB HB13   H N N 31  
AIB HB21   H N N 32  
AIB HB22   H N N 33  
AIB HB23   H N N 34  
ALA N      N N N 35  
ALA CA     C N S 36  
ALA C      C N N 37  
ALA O      O N N 38  
ALA CB     C N N 39  
ALA OXT    O N N 40  
ALA H      H N N 41  
ALA H2     H N N 42  
ALA HA     H N N 43  
ALA HB1    H N N 44  
ALA HB2    H N N 45  
ALA HB3    H N N 46  
ALA HXT    H N N 47  
GLN N      N N N 48  
GLN CA     C N S 49  
GLN C      C N N 50  
GLN O      O N N 51  
GLN CB     C N N 52  
GLN CG     C N N 53  
GLN CD     C N N 54  
GLN OE1    O N N 55  
GLN NE2    N N N 56  
GLN OXT    O N N 57  
GLN H      H N N 58  
GLN H2     H N N 59  
GLN HA     H N N 60  
GLN HB2    H N N 61  
GLN HB3    H N N 62  
GLN HG2    H N N 63  
GLN HG3    H N N 64  
GLN HE21   H N N 65  
GLN HE22   H N N 66  
GLN HXT    H N N 67  
HOH O      O N N 68  
HOH H1     H N N 69  
HOH H2     H N N 70  
I6W C05    C Y N 71  
I6W C08    C Y N 72  
I6W C09    C Y N 73  
I6W N10    N Y N 74  
I6W C02    C N N 75  
I6W C03    C Y N 76  
I6W C04    C Y N 77  
I6W C06    C Y N 78  
I6W C11    C Y N 79  
I6W C12    C Y N 80  
I6W C13    C N N 81  
I6W C15    C N N 82  
I6W C16    C N N 83  
I6W C18    C Y N 84  
I6W C19    C Y N 85  
I6W N07    N Y N 86  
I6W O01    O N N 87  
I6W O14    O N N 88  
I6W O17    O N N 89  
I6W H051   H N N 90  
I6W H041   H N N 91  
I6W H061   H N N 92  
I6W H111   H N N 93  
I6W H152   H N N 94  
I6W H151   H N N 95  
I6W H162   H N N 96  
I6W H163   H N N 97  
I6W H161   H N N 98  
I6W H181   H N N 99  
I6W H191   H N N 100 
I6W OXT    O N N 101 
I6W HXT    H N N 102 
I77 C11    C Y N 103 
I77 C12    C Y N 104 
I77 C13    C N N 105 
I77 C17    C Y N 106 
I77 C18    C Y N 107 
I77 C02    C N N 108 
I77 C03    C Y N 109 
I77 C04    C Y N 110 
I77 C05    C Y N 111 
I77 C06    C Y N 112 
I77 C08    C Y N 113 
I77 C09    C Y N 114 
I77 N01    N N N 115 
I77 N07    N Y N 116 
I77 N10    N Y N 117 
I77 N14    N N N 118 
I77 N15    N N N 119 
I77 O16    O N N 120 
I77 O19    O N N 121 
I77 H111   H N N 122 
I77 H171   H N N 123 
I77 H181   H N N 124 
I77 H041   H N N 125 
I77 H051   H N N 126 
I77 H061   H N N 127 
I77 H011   H N N 128 
I77 H012   H N N 129 
I77 H141   H N N 130 
I77 H1     H N N 131 
I77 H2     H N N 132 
LEU N      N N N 133 
LEU CA     C N S 134 
LEU C      C N N 135 
LEU O      O N N 136 
LEU CB     C N N 137 
LEU CG     C N N 138 
LEU CD1    C N N 139 
LEU CD2    C N N 140 
LEU OXT    O N N 141 
LEU H      H N N 142 
LEU H2     H N N 143 
LEU HA     H N N 144 
LEU HB2    H N N 145 
LEU HB3    H N N 146 
LEU HG     H N N 147 
LEU HD11   H N N 148 
LEU HD12   H N N 149 
LEU HD13   H N N 150 
LEU HD21   H N N 151 
LEU HD22   H N N 152 
LEU HD23   H N N 153 
LEU HXT    H N N 154 
MET N      N N N 155 
MET CA     C N S 156 
MET C      C N N 157 
MET O      O N N 158 
MET CB     C N N 159 
MET CG     C N N 160 
MET SD     S N N 161 
MET CE     C N N 162 
MET OXT    O N N 163 
MET H      H N N 164 
MET H2     H N N 165 
MET HA     H N N 166 
MET HB2    H N N 167 
MET HB3    H N N 168 
MET HG2    H N N 169 
MET HG3    H N N 170 
MET HE1    H N N 171 
MET HE2    H N N 172 
MET HE3    H N N 173 
MET HXT    H N N 174 
OXE C1     C Y N 175 
OXE C2     C Y N 176 
OXE C3     C Y N 177 
OXE C4     C Y N 178 
OXE C5     C Y N 179 
OXE C6     C Y N 180 
OXE "C1'"  C N N 181 
OXE "C2'"  C N N 182 
OXE H3     H N N 183 
OXE H4     H N N 184 
OXE H5     H N N 185 
OXE H6     H N N 186 
OXE "H1'1" H N N 187 
OXE "H1'2" H N N 188 
OXE "H1'3" H N N 189 
OXE "H2'1" H N N 190 
OXE "H2'2" H N N 191 
OXE "H2'3" H N N 192 
# 
loop_
_chem_comp_bond.comp_id 
_chem_comp_bond.atom_id_1 
_chem_comp_bond.atom_id_2 
_chem_comp_bond.value_order 
_chem_comp_bond.pdbx_aromatic_flag 
_chem_comp_bond.pdbx_stereo_config 
_chem_comp_bond.pdbx_ordinal 
8VH C08   C01    sing N N 1   
8VH C06   C01    doub Y N 2   
8VH C06   C05    sing Y N 3   
8VH C01   C02    sing Y N 4   
8VH C05   C04    doub Y N 5   
8VH C02   C03    doub Y N 6   
8VH C04   C03    sing Y N 7   
8VH C03   C07    sing N N 8   
8VH C02   H1     sing N N 9   
8VH C04   H2     sing N N 10  
8VH C05   H3     sing N N 11  
8VH C06   H4     sing N N 12  
8VH C07   H5     sing N N 13  
8VH C07   H6     sing N N 14  
8VH C07   H7     sing N N 15  
8VH C08   H8     sing N N 16  
8VH C08   H9     sing N N 17  
8VH C08   H10    sing N N 18  
AIB N     CA     sing N N 19  
AIB N     H      sing N N 20  
AIB N     H2     sing N N 21  
AIB CA    C      sing N N 22  
AIB CA    CB1    sing N N 23  
AIB CA    CB2    sing N N 24  
AIB C     O      doub N N 25  
AIB C     OXT    sing N N 26  
AIB OXT   HXT    sing N N 27  
AIB CB1   HB11   sing N N 28  
AIB CB1   HB12   sing N N 29  
AIB CB1   HB13   sing N N 30  
AIB CB2   HB21   sing N N 31  
AIB CB2   HB22   sing N N 32  
AIB CB2   HB23   sing N N 33  
ALA N     CA     sing N N 34  
ALA N     H      sing N N 35  
ALA N     H2     sing N N 36  
ALA CA    C      sing N N 37  
ALA CA    CB     sing N N 38  
ALA CA    HA     sing N N 39  
ALA C     O      doub N N 40  
ALA C     OXT    sing N N 41  
ALA CB    HB1    sing N N 42  
ALA CB    HB2    sing N N 43  
ALA CB    HB3    sing N N 44  
ALA OXT   HXT    sing N N 45  
GLN N     CA     sing N N 46  
GLN N     H      sing N N 47  
GLN N     H2     sing N N 48  
GLN CA    C      sing N N 49  
GLN CA    CB     sing N N 50  
GLN CA    HA     sing N N 51  
GLN C     O      doub N N 52  
GLN C     OXT    sing N N 53  
GLN CB    CG     sing N N 54  
GLN CB    HB2    sing N N 55  
GLN CB    HB3    sing N N 56  
GLN CG    CD     sing N N 57  
GLN CG    HG2    sing N N 58  
GLN CG    HG3    sing N N 59  
GLN CD    OE1    doub N N 60  
GLN CD    NE2    sing N N 61  
GLN NE2   HE21   sing N N 62  
GLN NE2   HE22   sing N N 63  
GLN OXT   HXT    sing N N 64  
HOH O     H1     sing N N 65  
HOH O     H2     sing N N 66  
I6W O01   C02    doub N N 67  
I6W C02   C03    sing N N 68  
I6W C03   C06    doub Y N 69  
I6W C03   C04    sing Y N 70  
I6W C06   N07    sing Y N 71  
I6W C04   C05    doub Y N 72  
I6W N07   C08    doub Y N 73  
I6W C05   C08    sing Y N 74  
I6W C08   C09    sing N N 75  
I6W C09   C19    doub Y N 76  
I6W C09   N10    sing Y N 77  
I6W C19   C18    sing Y N 78  
I6W N10   C11    doub Y N 79  
I6W C18   C12    doub Y N 80  
I6W C11   C12    sing Y N 81  
I6W C12   C13    sing N N 82  
I6W C13   O17    doub N N 83  
I6W C13   O14    sing N N 84  
I6W O14   C15    sing N N 85  
I6W C15   C16    sing N N 86  
I6W C05   H051   sing N N 87  
I6W C04   H041   sing N N 88  
I6W C06   H061   sing N N 89  
I6W C11   H111   sing N N 90  
I6W C15   H152   sing N N 91  
I6W C15   H151   sing N N 92  
I6W C16   H162   sing N N 93  
I6W C16   H163   sing N N 94  
I6W C16   H161   sing N N 95  
I6W C18   H181   sing N N 96  
I6W C19   H191   sing N N 97  
I6W C02   OXT    sing N N 98  
I6W OXT   HXT    sing N N 99  
I77 N15   N14    sing N N 100 
I77 O16   C13    doub N N 101 
I77 N14   C13    sing N N 102 
I77 C13   C12    sing N N 103 
I77 C12   C17    doub Y N 104 
I77 C12   C11    sing Y N 105 
I77 C17   C18    sing Y N 106 
I77 C11   N10    doub Y N 107 
I77 C18   C09    doub Y N 108 
I77 N10   C09    sing Y N 109 
I77 C09   C08    sing N N 110 
I77 C08   N07    doub Y N 111 
I77 C08   C05    sing Y N 112 
I77 N07   C06    sing Y N 113 
I77 C05   C04    doub Y N 114 
I77 C06   C03    doub Y N 115 
I77 C04   C03    sing Y N 116 
I77 C03   C02    sing N N 117 
I77 C02   N01    sing N N 118 
I77 C02   O19    doub N N 119 
I77 C11   H111   sing N N 120 
I77 C17   H171   sing N N 121 
I77 C18   H181   sing N N 122 
I77 C04   H041   sing N N 123 
I77 C05   H051   sing N N 124 
I77 C06   H061   sing N N 125 
I77 N01   H011   sing N N 126 
I77 N01   H012   sing N N 127 
I77 N14   H141   sing N N 128 
I77 N15   H1     sing N N 129 
I77 N15   H2     sing N N 130 
LEU N     CA     sing N N 131 
LEU N     H      sing N N 132 
LEU N     H2     sing N N 133 
LEU CA    C      sing N N 134 
LEU CA    CB     sing N N 135 
LEU CA    HA     sing N N 136 
LEU C     O      doub N N 137 
LEU C     OXT    sing N N 138 
LEU CB    CG     sing N N 139 
LEU CB    HB2    sing N N 140 
LEU CB    HB3    sing N N 141 
LEU CG    CD1    sing N N 142 
LEU CG    CD2    sing N N 143 
LEU CG    HG     sing N N 144 
LEU CD1   HD11   sing N N 145 
LEU CD1   HD12   sing N N 146 
LEU CD1   HD13   sing N N 147 
LEU CD2   HD21   sing N N 148 
LEU CD2   HD22   sing N N 149 
LEU CD2   HD23   sing N N 150 
LEU OXT   HXT    sing N N 151 
MET N     CA     sing N N 152 
MET N     H      sing N N 153 
MET N     H2     sing N N 154 
MET CA    C      sing N N 155 
MET CA    CB     sing N N 156 
MET CA    HA     sing N N 157 
MET C     O      doub N N 158 
MET C     OXT    sing N N 159 
MET CB    CG     sing N N 160 
MET CB    HB2    sing N N 161 
MET CB    HB3    sing N N 162 
MET CG    SD     sing N N 163 
MET CG    HG2    sing N N 164 
MET CG    HG3    sing N N 165 
MET SD    CE     sing N N 166 
MET CE    HE1    sing N N 167 
MET CE    HE2    sing N N 168 
MET CE    HE3    sing N N 169 
MET OXT   HXT    sing N N 170 
OXE C1    C2     doub Y N 171 
OXE C1    C6     sing Y N 172 
OXE C1    "C1'"  sing N N 173 
OXE C2    C3     sing Y N 174 
OXE C2    "C2'"  sing N N 175 
OXE C3    C4     doub Y N 176 
OXE C3    H3     sing N N 177 
OXE C4    C5     sing Y N 178 
OXE C4    H4     sing N N 179 
OXE C5    C6     doub Y N 180 
OXE C5    H5     sing N N 181 
OXE C6    H6     sing N N 182 
OXE "C1'" "H1'1" sing N N 183 
OXE "C1'" "H1'2" sing N N 184 
OXE "C1'" "H1'3" sing N N 185 
OXE "C2'" "H2'1" sing N N 186 
OXE "C2'" "H2'2" sing N N 187 
OXE "C2'" "H2'3" sing N N 188 
# 
_pdbx_audit_support.funding_organization   'Department of Energy (DOE, United States)' 
_pdbx_audit_support.country                'United States' 
_pdbx_audit_support.grant_number           DE-AC02-06CH11357 
_pdbx_audit_support.ordinal                1 
# 
_pdbx_initial_refinement_model.id               1 
_pdbx_initial_refinement_model.entity_id_list   ? 
_pdbx_initial_refinement_model.type             'experimental model' 
_pdbx_initial_refinement_model.source_name      PDB 
_pdbx_initial_refinement_model.accession_code   7TLS 
_pdbx_initial_refinement_model.details          ? 
# 
_space_group.name_H-M_alt     'P 1 21 1' 
_space_group.name_Hall        'P 2yb' 
_space_group.IT_number        4 
_space_group.crystal_system   monoclinic 
_space_group.id               1 
# 
_atom_sites.entry_id                    9C02 
_atom_sites.Cartn_transf_matrix[1][1]   ? 
_atom_sites.Cartn_transf_matrix[1][2]   ? 
_atom_sites.Cartn_transf_matrix[1][3]   ? 
_atom_sites.Cartn_transf_matrix[2][1]   ? 
_atom_sites.Cartn_transf_matrix[2][2]   ? 
_atom_sites.Cartn_transf_matrix[2][3]   ? 
_atom_sites.Cartn_transf_matrix[3][1]   ? 
_atom_sites.Cartn_transf_matrix[3][2]   ? 
_atom_sites.Cartn_transf_matrix[3][3]   ? 
_atom_sites.Cartn_transf_vector[1]      ? 
_atom_sites.Cartn_transf_vector[2]      ? 
_atom_sites.Cartn_transf_vector[3]      ? 
_atom_sites.Cartn_transform_axes        ? 
_atom_sites.fract_transf_matrix[1][1]   0.01621663 
_atom_sites.fract_transf_matrix[1][2]   0.04442470 
_atom_sites.fract_transf_matrix[1][3]   -0.05583948 
_atom_sites.fract_transf_matrix[2][1]   -0.07274716 
_atom_sites.fract_transf_matrix[2][2]   0.01319041 
_atom_sites.fract_transf_matrix[2][3]   -0.01063287 
_atom_sites.fract_transf_matrix[3][1]   0.00288021 
_atom_sites.fract_transf_matrix[3][2]   0.03156638 
_atom_sites.fract_transf_matrix[3][3]   0.01945350 
_atom_sites.fract_transf_vector[1]      -0.352644 
_atom_sites.fract_transf_vector[2]      0.134055 
_atom_sites.fract_transf_vector[3]      -0.159449 
_atom_sites.solution_primary            ? 
_atom_sites.solution_secondary          ? 
_atom_sites.solution_hydrogens          ? 
_atom_sites.special_details             ? 
# 
loop_
_atom_type.symbol 
_atom_type.scat_dispersion_real 
_atom_type.scat_dispersion_imag 
_atom_type.scat_Cromer_Mann_a1 
_atom_type.scat_Cromer_Mann_a2 
_atom_type.scat_Cromer_Mann_a3 
_atom_type.scat_Cromer_Mann_a4 
_atom_type.scat_Cromer_Mann_b1 
_atom_type.scat_Cromer_Mann_b2 
_atom_type.scat_Cromer_Mann_b3 
_atom_type.scat_Cromer_Mann_b4 
_atom_type.scat_Cromer_Mann_c 
_atom_type.scat_source 
_atom_type.scat_dispersion_source 
C ? ? 2.51340 1.74867 1.72398 ? 31.80534 0.44561  10.58317 ? 0.0 
;3-Gaussian fit: Grosse-Kunstleve RW, Sauter NK, Adams PD: Newsletter of the IUCr Commission on Crystallographic Computing 2004, 3, 22-31.
;
? 
H ? ? 0.53795 0.34799 0.11320 ? 10.08003 29.74760 2.57510  ? 0.0 
;3-Gaussian fit: Grosse-Kunstleve RW, Sauter NK, Adams PD: Newsletter of the IUCr Commission on Crystallographic Computing 2004, 3, 22-31.
;
? 
N ? ? 2.99955 2.25584 1.72788 ? 23.27268 7.45433  0.31622  ? 0.0 
;3-Gaussian fit: Grosse-Kunstleve RW, Sauter NK, Adams PD: Newsletter of the IUCr Commission on Crystallographic Computing 2004, 3, 22-31.
;
? 
O ? ? 4.49882 3.47563 ?       ? 15.80542 1.70748  ?        ? 0.0 
;2-Gaussian fit: Grosse-Kunstleve RW, Sauter NK, Adams PD: Newsletter of the IUCr Commission on Crystallographic Computing 2004, 3, 22-31.
;
? 
S ? ? 9.55732 6.39887 ?       ? 1.23737  29.19336 ?        ? 0.0 
;2-Gaussian fit: Grosse-Kunstleve RW, Sauter NK, Adams PD: Newsletter of the IUCr Commission on Crystallographic Computing 2004, 3, 22-31.
;
? 
# 
loop_
_atom_site.group_PDB 
_atom_site.id 
_atom_site.type_symbol 
_atom_site.label_atom_id 
_atom_site.label_alt_id 
_atom_site.label_comp_id 
_atom_site.label_asym_id 
_atom_site.label_entity_id 
_atom_site.label_seq_id 
_atom_site.pdbx_PDB_ins_code 
_atom_site.Cartn_x 
_atom_site.Cartn_y 
_atom_site.Cartn_z 
_atom_site.occupancy 
_atom_site.B_iso_or_equiv 
_atom_site.pdbx_formal_charge 
_atom_site.auth_seq_id 
_atom_site.auth_comp_id 
_atom_site.auth_asym_id 
_atom_site.auth_atom_id 
_atom_site.pdbx_PDB_model_num 
ATOM   1   N N      . LEU A 1 1 ? -6.83467 -3.72106  2.86495   1.000 4.76428   ? 2   LEU A N      1 
ATOM   2   C CA     . LEU A 1 1 ? -6.57380 -2.33313  3.20669   1.000 4.49043   ? 2   LEU A CA     1 
ATOM   3   C C      . LEU A 1 1 ? -5.05880 -2.05830  3.23609   1.000 4.29223   ? 2   LEU A C      1 
ATOM   4   O O      . LEU A 1 1 ? -4.59600 -1.05428  2.68046   1.000 4.28122   ? 2   LEU A O      1 
ATOM   5   C CB     . LEU A 1 1 ? -7.18122 -2.00649  4.55940   1.000 4.97924   ? 2   LEU A CB     1 
ATOM   6   C CG     . LEU A 1 1 ? -6.85168 -0.59326  5.06403   1.000 6.13718   ? 2   LEU A CG     1 
ATOM   7   C CD1    . LEU A 1 1 ? -7.45664 0.45845   4.17498   1.000 8.11852   ? 2   LEU A CD1    1 
ATOM   8   C CD2    . LEU A 1 1 ? -7.30354 -0.45692  6.47628   1.000 7.64342   ? 2   LEU A CD2    1 
ATOM   9   H H1     . LEU A 1 1 ? -7.54327 -4.05231  3.22423   1.000 5.71088   ? 2   LEU A H1     1 
ATOM   10  H HA     . LEU A 1 1 ? -6.97777 -1.75490  2.54085   1.000 5.38225   ? 2   LEU A HA     1 
ATOM   11  H HB2    . LEU A 1 1 ? -8.14613 -2.07973  4.49257   1.000 5.96883   ? 2   LEU A HB2    1 
ATOM   12  H HB3    . LEU A 1 1 ? -6.84481 -2.64016  5.21224   1.000 5.96883   ? 2   LEU A HB3    1 
ATOM   13  H HG     . LEU A 1 1 ? -5.89278 -0.44933  5.03746   1.000 7.35836   ? 2   LEU A HG     1 
ATOM   14  H HD11   . LEU A 1 1 ? -7.21895 1.33494   4.51581   1.000 9.73596   ? 2   LEU A HD11   1 
ATOM   15  H HD12   . LEU A 1 1 ? -7.11097 0.34846   3.27537   1.000 9.73596   ? 2   LEU A HD12   1 
ATOM   16  H HD13   . LEU A 1 1 ? -8.42104 0.35436   4.17380   1.000 9.73596   ? 2   LEU A HD13   1 
ATOM   17  H HD21   . LEU A 1 1 ? -7.04091 0.41555   6.80906   1.000 9.16584   ? 2   LEU A HD21   1 
ATOM   18  H HD22   . LEU A 1 1 ? -8.26882 -0.54662  6.50907   1.000 9.16584   ? 2   LEU A HD22   1 
ATOM   19  H HD23   . LEU A 1 1 ? -6.88837 -1.15293  7.00929   1.000 9.16584   ? 2   LEU A HD23   1 
HETATM 20  N N      . AIB A 1 2 ? -4.29423 -2.92605  3.90865   1.000 4.19850   ? 3   AIB A N      1 
HETATM 21  C CA     . AIB A 1 2 ? -2.86532 -2.71554  4.01615   1.000 4.46050   ? 3   AIB A CA     1 
HETATM 22  C C      . AIB A 1 2 ? -2.27356 -2.53767  2.61202   1.000 4.76055   ? 3   AIB A C      1 
HETATM 23  O O      . AIB A 1 2 ? -1.50318 -1.63216  2.32571   1.000 5.07844   ? 3   AIB A O      1 
HETATM 24  C CB1    . AIB A 1 2 ? -2.53440 -1.49045  4.88969   1.000 4.90188   ? 3   AIB A CB1    1 
HETATM 25  C CB2    . AIB A 1 2 ? -2.21795 -3.95919  4.63683   1.000 5.30704   ? 3   AIB A CB2    1 
HETATM 26  H H      . AIB A 1 2 ? -4.62324 -3.53729  4.62986   1.000 5.03194   ? 3   AIB A H      1 
HETATM 27  H HB11   . AIB A 1 2 ? -3.01323 -0.57969  4.45759   1.000 5.87599   ? 3   AIB A HB11   1 
HETATM 28  H HB12   . AIB A 1 2 ? -2.91853 -1.65163  5.92503   1.000 5.87599   ? 3   AIB A HB12   1 
HETATM 29  H HB13   . AIB A 1 2 ? -1.42892 -1.34213  4.92669   1.000 5.87599   ? 3   AIB A HB13   1 
HETATM 30  H HB21   . AIB A 1 2 ? -1.10697 -3.85030  4.59736   1.000 6.36218   ? 3   AIB A HB21   1 
HETATM 31  H HB22   . AIB A 1 2 ? -2.55288 -4.05352  5.69824   1.000 6.36218   ? 3   AIB A HB22   1 
HETATM 32  H HB23   . AIB A 1 2 ? -2.53197 -4.86132  4.05784   1.000 6.36218   ? 3   AIB A HB23   1 
ATOM   33  N N      . ALA A 1 3 ? -2.62214 -3.45065  1.70115   1.000 4.82960   ? 4   ALA A N      1 
ATOM   34  C CA     . ALA A 1 3 ? -2.11252 -3.38054  0.32864   1.000 5.72085   ? 4   ALA A CA     1 
ATOM   35  C C      . ALA A 1 3 ? -2.50297 -2.08455  -0.36205  1.000 5.43882   ? 4   ALA A C      1 
ATOM   36  O O      . ALA A 1 3 ? -1.68391 -1.47638  -1.07320  1.000 6.27748   ? 4   ALA A O      1 
ATOM   37  C CB     . ALA A 1 3 ? -2.58758 -4.57869  -0.48808  1.000 6.76820   ? 4   ALA A CB     1 
ATOM   38  H H      . ALA A 1 3 ? -3.14771 -4.11447  1.85183   1.000 5.78926   ? 4   ALA A H      1 
ATOM   39  H HA     . ALA A 1 3 ? -1.14383 -3.40704  0.37138   1.000 6.85875   ? 4   ALA A HA     1 
ATOM   40  H HB1    . ALA A 1 3 ? -2.19501 -4.53270  -1.37390  1.000 8.11557   ? 4   ALA A HB1    1 
ATOM   41  H HB2    . ALA A 1 3 ? -2.30763 -5.39445  -0.04416  1.000 8.11557   ? 4   ALA A HB2    1 
ATOM   42  H HB3    . ALA A 1 3 ? -3.55504 -4.55284  -0.55328  1.000 8.11557   ? 4   ALA A HB3    1 
HETATM 43  N N      . AIB A 1 4 ? -3.75804 -1.67702  -0.17709  1.000 5.21056   ? 5   AIB A N      1 
HETATM 44  C CA     . AIB A 1 4 ? -4.29225 -0.47900  -0.78378  1.000 5.89739   ? 5   AIB A CA     1 
HETATM 45  C C      . AIB A 1 4 ? -3.45917 0.75641   -0.41358  1.000 5.72505   ? 5   AIB A C      1 
HETATM 46  O O      . AIB A 1 4 ? -3.29478 1.68930   -1.19716  1.000 8.00236   ? 5   AIB A O      1 
HETATM 47  C CB1    . AIB A 1 4 ? -4.36838 -0.63272  -2.31626  1.000 7.09864   ? 5   AIB A CB1    1 
HETATM 48  C CB2    . AIB A 1 4 ? -5.71864 -0.23240  -0.27049  1.000 6.16865   ? 5   AIB A CB2    1 
HETATM 49  H H      . AIB A 1 4 ? -4.51033 -2.28666  0.07669   1.000 6.24641   ? 5   AIB A H      1 
HETATM 50  H HB11   . AIB A 1 4 ? -5.11265 -1.42172  -2.57889  1.000 8.51211   ? 5   AIB A HB11   1 
HETATM 51  H HB12   . AIB A 1 4 ? -4.68051 0.33484   -2.77654  1.000 8.51211   ? 5   AIB A HB12   1 
HETATM 52  H HB13   . AIB A 1 4 ? -3.36772 -0.92381  -2.71551  1.000 8.51211   ? 5   AIB A HB13   1 
HETATM 53  H HB21   . AIB A 1 4 ? -6.14013 0.66658   -0.78223  1.000 7.39611   ? 5   AIB A HB21   1 
HETATM 54  H HB22   . AIB A 1 4 ? -6.34739 -1.12761  -0.49620  1.000 7.39611   ? 5   AIB A HB22   1 
HETATM 55  H HB23   . AIB A 1 4 ? -5.68469 -0.06045  0.83267   1.000 7.39611   ? 5   AIB A HB23   1 
ATOM   56  N N      . LEU A 1 5 ? -2.97060 0.77549   0.82445   1.000 5.14147   ? 6   LEU A N      1 
ATOM   57  C CA     . LEU A 1 5 ? -2.11055 1.87020   1.28185   1.000 5.89674   ? 6   LEU A CA     1 
ATOM   58  C C      . LEU A 1 5 ? -0.63176 1.66570   0.92596   1.000 6.20672   ? 6   LEU A C      1 
ATOM   59  O O      . LEU A 1 5 ? 0.07890  2.61366   0.55658   1.000 7.93480   ? 6   LEU A O      1 
ATOM   60  C CB     . LEU A 1 5 ? -2.27384 2.10070   2.77610   1.000 6.54342   ? 6   LEU A CB     1 
ATOM   61  C CG     . LEU A 1 5 ? -3.68154 2.52417   3.19057   1.000 8.43810   ? 6   LEU A CG     1 
ATOM   62  C CD1    . LEU A 1 5 ? -3.84782 2.50951   4.70527   1.000 9.25245   ? 6   LEU A CD1    1 
ATOM   63  C CD2    . LEU A 1 5 ? -4.02053 3.90883   2.62387   1.000 9.18207   ? 6   LEU A CD2    1 
ATOM   64  H H      . LEU A 1 5 ? -3.12036 0.17058   1.41712   1.000 6.16351   ? 6   LEU A H      1 
ATOM   65  H HA     . LEU A 1 5 ? -2.39318 2.67402   0.81830   1.000 7.06982   ? 6   LEU A HA     1 
ATOM   66  H HB2    . LEU A 1 5 ? -2.06422 1.27599   3.24172   1.000 7.84584   ? 6   LEU A HB2    1 
ATOM   67  H HB3    . LEU A 1 5 ? -1.66169 2.80137   3.05040   1.000 7.84584   ? 6   LEU A HB3    1 
ATOM   68  H HG     . LEU A 1 5 ? -4.31028 1.88294   2.82395   1.000 10.11946  ? 6   LEU A HG     1 
ATOM   69  H HD11   . LEU A 1 5 ? -4.74899 2.79188   4.92679   1.000 11.09667  ? 6   LEU A HD11   1 
ATOM   70  H HD12   . LEU A 1 5 ? -3.69384 1.60896   5.03117   1.000 11.09667  ? 6   LEU A HD12   1 
ATOM   71  H HD13   . LEU A 1 5 ? -3.20401 3.11857   5.09955   1.000 11.09667  ? 6   LEU A HD13   1 
ATOM   72  H HD21   . LEU A 1 5 ? -3.98089 3.87205   1.65538   1.000 11.01222  ? 6   LEU A HD21   1 
ATOM   73  H HD22   . LEU A 1 5 ? -4.91384 4.15678   2.90919   1.000 11.01222  ? 6   LEU A HD22   1 
ATOM   74  H HD23   . LEU A 1 5 ? -3.37619 4.55282   2.95707   1.000 11.01222  ? 6   LEU A HD23   1 
ATOM   75  N N      A MET A 1 6 ? -0.16768 0.42694   1.00877   0.583 5.01427   ? 7   MET A N      1 
ATOM   76  N N      B MET A 1 6 ? -0.18771 0.41271   1.02159   0.417 5.62534   ? 7   MET A N      1 
ATOM   77  C CA     A MET A 1 6 ? 1.22868  0.12255   0.73636   0.583 5.09694   ? 7   MET A CA     1 
ATOM   78  C CA     B MET A 1 6 ? 1.19775  0.05856   0.75036   0.417 5.71696   ? 7   MET A CA     1 
ATOM   79  C C      A MET A 1 6 ? 1.56980  0.14686   -0.74320  0.583 5.43987   ? 7   MET A C      1 
ATOM   80  C C      B MET A 1 6 ? 1.56690  0.19541   -0.72183  0.417 5.39421   ? 7   MET A C      1 
ATOM   81  O O      A MET A 1 6 ? 2.74528  0.00080   -1.08992  0.583 6.06137   ? 7   MET A O      1 
ATOM   82  O O      B MET A 1 6 ? 2.75901  0.17884   -1.03873  0.417 5.14172   ? 7   MET A O      1 
ATOM   83  C CB     A MET A 1 6 ? 1.61575  -1.21848  1.35670   0.583 4.96250   ? 7   MET A CB     1 
ATOM   84  C CB     B MET A 1 6 ? 1.47716  -1.37484  1.22128   0.417 6.26698   ? 7   MET A CB     1 
ATOM   85  C CG     A MET A 1 6 ? 1.56756  -1.17197  2.85893   0.583 5.66399   ? 7   MET A CG     1 
ATOM   86  C CG     B MET A 1 6 ? 1.74400  -1.52494  2.71802   0.417 6.67253   ? 7   MET A CG     1 
ATOM   87  S SD     A MET A 1 6 ? 1.68858  -2.77005  3.64533   0.583 7.01448   ? 7   MET A SD     1 
ATOM   88  S SD     B MET A 1 6 ? 2.39463  -3.15281  3.16265   0.417 7.91278   ? 7   MET A SD     1 
ATOM   89  C CE     A MET A 1 6 ? 3.26114  -3.32512  3.00659   0.583 8.59119   ? 7   MET A CE     1 
ATOM   90  C CE     B MET A 1 6 ? 1.99989  -3.20245  4.89869   0.417 7.99642   ? 7   MET A CE     1 
ATOM   91  H H      A MET A 1 6 ? -0.64333 -0.25719  1.22162   0.583 6.01086   ? 7   MET A H      1 
ATOM   92  H H      B MET A 1 6 ? -0.67785 -0.25768  1.24503   0.417 6.74414   ? 7   MET A H      1 
ATOM   93  H HA     A MET A 1 6 ? 1.77312  0.79616   1.17308   0.583 6.11006   ? 7   MET A HA     1 
ATOM   94  H HA     B MET A 1 6 ? 1.76675  0.65304   1.26391   0.417 6.85409   ? 7   MET A HA     1 
ATOM   95  H HB2    A MET A 1 6 ? 0.99742  -1.90138  1.05304   0.583 5.94874   ? 7   MET A HB2    1 
ATOM   96  H HB2    B MET A 1 6 ? 0.70643  -1.92354  1.00727   0.417 7.51411   ? 7   MET A HB2    1 
ATOM   97  H HB3    A MET A 1 6 ? 2.51953  -1.44599  1.08778   0.583 5.94874   ? 7   MET A HB3    1 
ATOM   98  H HB3    B MET A 1 6 ? 2.25964  -1.70454  0.75232   0.417 7.51411   ? 7   MET A HB3    1 
ATOM   99  H HG2    A MET A 1 6 ? 2.30766  -0.63143  3.17667   0.583 6.79052   ? 7   MET A HG2    1 
ATOM   100 H HG2    B MET A 1 6 ? 2.39455  -0.85889  2.99016   0.417 8.00077   ? 7   MET A HG2    1 
ATOM   101 H HG3    A MET A 1 6 ? 0.72560  -0.77405  3.13034   0.583 6.79052   ? 7   MET A HG3    1 
ATOM   102 H HG3    B MET A 1 6 ? 0.91292  -1.39357  3.20068   0.417 8.00077   ? 7   MET A HG3    1 
ATOM   103 H HE1    A MET A 1 6 ? 3.47005  -4.19105  3.39053   0.583 10.30316  ? 7   MET A HE1    1 
ATOM   104 H HE1    B MET A 1 6 ? 2.15451  -2.32531  5.28291   0.417 9.58944   ? 7   MET A HE1    1 
ATOM   105 H HE2    A MET A 1 6 ? 3.20225  -3.39690  2.04104   0.583 10.30316  ? 7   MET A HE2    1 
ATOM   106 H HE2    B MET A 1 6 ? 1.06789  -3.44994  5.00368   0.417 9.58944   ? 7   MET A HE2    1 
ATOM   107 H HE3    A MET A 1 6 ? 3.94540  -2.68188  3.24933   0.583 10.30316  ? 7   MET A HE3    1 
ATOM   108 H HE3    B MET A 1 6 ? 2.56729  -3.85848  5.33293   0.417 9.58944   ? 7   MET A HE3    1 
ATOM   109 N N      . GLN A 1 7 ? 0.60171  0.36480   -1.62208  1.000 5.50822   ? 8   GLN A N      1 
ATOM   110 C CA     . GLN A 1 7 ? 0.90526  0.45266   -3.04693  1.000 5.13053   ? 8   GLN A CA     1 
ATOM   111 C C      . GLN A 1 7 ? 1.89669  1.59228   -3.33098  1.000 4.66966   ? 8   GLN A C      1 
ATOM   112 O O      . GLN A 1 7 ? 2.60952  1.52895   -4.32890  1.000 4.82663   ? 8   GLN A O      1 
ATOM   113 C CB     . GLN A 1 7 ? -0.35605 0.62106   -3.89523  1.000 5.53351   ? 8   GLN A CB     1 
ATOM   114 C CG     . GLN A 1 7 ? -1.08828 1.93563   -3.68216  1.000 5.96271   ? 8   GLN A CG     1 
ATOM   115 C CD     . GLN A 1 7 ? -2.30221 2.04181   -4.56456  1.000 5.32191   ? 8   GLN A CD     1 
ATOM   116 O OE1    . GLN A 1 7 ? -2.21245 1.87731   -5.77415  1.000 5.44420   ? 8   GLN A OE1    1 
ATOM   117 N NE2    . GLN A 1 7 ? -3.44972 2.28457   -3.96460  1.000 7.43570   ? 8   GLN A NE2    1 
ATOM   118 H H      . GLN A 1 7 ? -0.22906 0.46427   -1.42324  1.000 6.60360   ? 8   GLN A H      1 
ATOM   119 H HA     . GLN A 1 7 ? 1.31415  -0.38421  -3.31775  1.000 6.15037   ? 8   GLN A HA     1 
ATOM   120 H HB2    . GLN A 1 7 ? -0.10729 0.57274   -4.83154  1.000 6.63395   ? 8   GLN A HB2    1 
ATOM   121 H HB3    . GLN A 1 7 ? -0.97223 -0.09598  -3.67823  1.000 6.63395   ? 8   GLN A HB3    1 
ATOM   122 H HG2    . GLN A 1 7 ? -1.37679 1.99585   -2.75802  1.000 7.14898   ? 8   GLN A HG2    1 
ATOM   123 H HG3    . GLN A 1 7 ? -0.49299 2.67202   -3.89253  1.000 7.14898   ? 8   GLN A HG3    1 
ATOM   124 H HE21   . GLN A 1 7 ? -3.47753 2.37389   -3.10970  1.000 8.91658   ? 8   GLN A HE21   1 
ATOM   125 H HE22   . GLN A 1 7 ? -4.17097 2.35372   -4.42785  1.000 8.91658   ? 8   GLN A HE22   1 
HETATM 126 N N      . AIB A 1 8 ? 1.92965  2.61652   -2.47630  1.000 5.14976   ? 9   AIB A N      1 
HETATM 127 C CA     . AIB A 1 8 ? 2.89001  3.69615   -2.58552  1.000 6.25708   ? 9   AIB A CA     1 
HETATM 128 C C      . AIB A 1 8 ? 4.34671  3.17540   -2.63453  1.000 6.37830   ? 9   AIB A C      1 
HETATM 129 O O      . AIB A 1 8 ? 5.24477  3.82361   -3.16108  1.000 7.96483   ? 9   AIB A O      1 
HETATM 130 C CB1    . AIB A 1 8 ? 2.62868  4.56705   -3.82636  1.000 6.78008   ? 9   AIB A CB1    1 
HETATM 131 C CB2    . AIB A 1 8 ? 2.78956  4.55991   -1.33082  1.000 7.51457   ? 9   AIB A CB2    1 
HETATM 132 H H      . AIB A 1 8 ? 1.57452  2.57558   -1.54130  1.000 6.17345   ? 9   AIB A H      1 
HETATM 133 H HB11   . AIB A 1 8 ? 1.59944  4.99547   -3.77552  1.000 8.12983   ? 9   AIB A HB11   1 
HETATM 134 H HB12   . AIB A 1 8 ? 3.37158  5.39893   -3.86558  1.000 8.12983   ? 9   AIB A HB12   1 
HETATM 135 H HB13   . AIB A 1 8 ? 2.72319  3.94602   -4.74877  1.000 8.12983   ? 9   AIB A HB13   1 
HETATM 136 H HB21   . AIB A 1 8 ? 1.73852  4.92152   -1.22011  1.000 9.01122   ? 9   AIB A HB21   1 
HETATM 137 H HB22   . AIB A 1 8 ? 3.07592  3.94689   -0.44207  1.000 9.01122   ? 9   AIB A HB22   1 
HETATM 138 H HB23   . AIB A 1 8 ? 3.48220  5.43049   -1.43088  1.000 9.01122   ? 9   AIB A HB23   1 
ATOM   139 N N      A LEU A 1 9 ? 4.55389  1.98869   -2.04800  0.887 5.62646   ? 10  LEU A N      1 
ATOM   140 N N      B LEU A 1 9 ? 4.55060  2.01030   -2.03056  0.113 6.41187   ? 10  LEU A N      1 
ATOM   141 C CA     A LEU A 1 9 ? 5.86666  1.31383   -1.95083  0.887 5.62720   ? 10  LEU A CA     1 
ATOM   142 C CA     B LEU A 1 9 ? 5.86608  1.39427   -1.95297  0.113 6.52587   ? 10  LEU A CA     1 
ATOM   143 C C      A LEU A 1 9 ? 6.01074  0.20460   -2.95885  0.887 6.03828   ? 10  LEU A C      1 
ATOM   144 C C      B LEU A 1 9 ? 5.92274  0.15553   -2.84253  0.113 6.04692   ? 10  LEU A C      1 
ATOM   145 O O      A LEU A 1 9 ? 6.90364  -0.64012  -2.88388  0.887 7.70609   ? 10  LEU A O      1 
ATOM   146 O O      B LEU A 1 9 ? 7.00559  -0.34162  -3.15627  0.113 6.29247   ? 10  LEU A O      1 
ATOM   147 C CB     A LEU A 1 9 ? 6.05420  0.69793   -0.56909  0.887 6.14663   ? 10  LEU A CB     1 
ATOM   148 C CB     B LEU A 1 9 ? 6.17713  1.01775   -0.50289  0.113 7.13107   ? 10  LEU A CB     1 
ATOM   149 C CG     A LEU A 1 9 ? 5.84738  1.67429   0.57387   0.887 7.56024   ? 10  LEU A CG     1 
ATOM   150 C CG     B LEU A 1 9 ? 6.65412  2.15203   0.41053   0.113 7.76629   ? 10  LEU A CG     1 
ATOM   151 C CD1    A LEU A 1 9 ? 6.03561  0.99072   1.89969   0.887 8.34305   ? 10  LEU A CD1    1 
ATOM   152 C CD1    B LEU A 1 9 ? 5.59684  3.23660   0.56768   0.113 7.92394   ? 10  LEU A CD1    1 
ATOM   153 C CD2    A LEU A 1 9 ? 6.76017  2.85948   0.44296   0.887 9.38879   ? 10  LEU A CD2    1 
ATOM   154 C CD2    B LEU A 1 9 ? 7.04598  1.59407   1.76591   0.113 7.78331   ? 10  LEU A CD2    1 
ATOM   155 H H      A LEU A 1 9 ? 3.92574  1.52994   -1.68116  0.887 6.74549   ? 10  LEU A H      1 
ATOM   156 H H      B LEU A 1 9 ? 3.93130  1.54942   -1.65153  0.113 7.68798   ? 10  LEU A H      1 
ATOM   157 H HA     A LEU A 1 9 ? 6.54696  1.98554   -2.11475  0.887 6.74638   ? 10  LEU A HA     1 
ATOM   158 H HA     B LEU A 1 9 ? 6.54347  2.01851   -2.25685  0.113 7.82478   ? 10  LEU A HA     1 
ATOM   159 H HB2    A LEU A 1 9 ? 5.41476  -0.02348  -0.46144  0.887 7.36969   ? 10  LEU A HB2    1 
ATOM   160 H HB2    B LEU A 1 9 ? 5.36987  0.65346   -0.10725  0.113 8.55102   ? 10  LEU A HB2    1 
ATOM   161 H HB3    A LEU A 1 9 ? 6.95823  0.35251   -0.50333  0.887 7.36969   ? 10  LEU A HB3    1 
ATOM   162 H HB3    B LEU A 1 9 ? 6.87575  0.34486   -0.51040  0.113 8.55102   ? 10  LEU A HB3    1 
ATOM   163 H HG     A LEU A 1 9 ? 4.93597  2.00442   0.53855   0.887 9.06602   ? 10  LEU A HG     1 
ATOM   164 H HG     B LEU A 1 9 ? 7.42951  2.56866   0.00301   0.113 9.31328   ? 10  LEU A HG     1 
ATOM   165 H HD11   A LEU A 1 9 ? 5.91189  1.63966   2.60995   0.887 10.00539  ? 10  LEU A HD11   1 
ATOM   166 H HD11   B LEU A 1 9 ? 5.86729  3.84092   1.27659   0.113 9.50246   ? 10  LEU A HD11   1 
ATOM   167 H HD12   A LEU A 1 9 ? 5.38155  0.27939   1.98393   0.887 10.00539  ? 10  LEU A HD12   1 
ATOM   168 H HD12   B LEU A 1 9 ? 5.51598  3.72225   -0.26808  0.113 9.50246   ? 10  LEU A HD12   1 
ATOM   169 H HD13   A LEU A 1 9 ? 6.93202  0.62239   1.94064   0.887 10.00539  ? 10  LEU A HD13   1 
ATOM   170 H HD13   B LEU A 1 9 ? 4.74947  2.82139   0.79230   0.113 9.50246   ? 10  LEU A HD13   1 
ATOM   171 H HD21   A LEU A 1 9 ? 6.71683  3.38305   1.25837   0.887 11.26028  ? 10  LEU A HD21   1 
ATOM   172 H HD21   B LEU A 1 9 ? 7.22544  2.33081   2.37082   0.113 9.33371   ? 10  LEU A HD21   1 
ATOM   173 H HD22   A LEU A 1 9 ? 7.66665  2.54559   0.29920   0.887 11.26028  ? 10  LEU A HD22   1 
ATOM   174 H HD22   B LEU A 1 9 ? 6.31595  1.05504   2.10858   0.113 9.33371   ? 10  LEU A HD22   1 
ATOM   175 H HD23   A LEU A 1 9 ? 6.47291  3.39754   -0.31128  0.887 11.26028  ? 10  LEU A HD23   1 
ATOM   176 H HD23   B LEU A 1 9 ? 7.84121  1.04795   1.66468   0.113 9.33371   ? 10  LEU A HD23   1 
HETATM 177 C C11    . I77 B 2 . ? 5.44419  -3.56992  -5.94271  1.000 6.54259   ? 101 I77 A C11    1 
HETATM 178 C C12    . I77 B 2 . ? 5.61847  -2.35709  -6.59322  1.000 5.69172   ? 101 I77 A C12    1 
HETATM 179 C C13    . I77 B 2 . ? 5.75605  -1.06507  -5.83003  1.000 5.75633   ? 101 I77 A C13    1 
HETATM 180 C C17    . I77 B 2 . ? 5.66194  -2.31170  -7.97032  1.000 5.33636   ? 101 I77 A C17    1 
HETATM 181 C C18    . I77 B 2 . ? 5.54665  -3.49388  -8.65624  1.000 4.96251   ? 101 I77 A C18    1 
HETATM 182 C C02    . I77 B 2 . ? 4.59892  -9.53865  -10.83017 1.000 5.04487   ? 101 I77 A C02    1 
HETATM 183 C C03    . I77 B 2 . ? 4.85592  -8.23533  -10.09787 1.000 5.09884   ? 101 I77 A C03    1 
HETATM 184 C C04    . I77 B 2 . ? 4.80083  -8.27644  -8.73060  1.000 5.61102   ? 101 I77 A C04    1 
HETATM 185 C C05    . I77 B 2 . ? 4.98765  -7.10316  -8.03865  1.000 5.48456   ? 101 I77 A C05    1 
HETATM 186 C C06    . I77 B 2 . ? 5.10454  -7.03244  -10.74070 1.000 5.29384   ? 101 I77 A C06    1 
HETATM 187 C C08    . I77 B 2 . ? 5.22402  -5.94424  -8.72961  1.000 4.60963   ? 101 I77 A C08    1 
HETATM 188 C C09    . I77 B 2 . ? 5.39024  -4.66837  -7.95718  1.000 5.05409   ? 101 I77 A C09    1 
HETATM 189 N N01    . I77 B 2 . ? 4.58900  -9.48859  -12.23271 1.000 6.10265   ? 101 I77 A N01    1 
HETATM 190 N N07    . I77 B 2 . ? 5.28208  -5.90540  -10.04840 1.000 5.35408   ? 101 I77 A N07    1 
HETATM 191 N N10    . I77 B 2 . ? 5.34101  -4.69549  -6.63795  1.000 6.46100   ? 101 I77 A N10    1 
HETATM 192 N N14    . I77 B 2 . ? 4.92553  -1.03044  -4.69455  1.000 5.57588   ? 101 I77 A N14    1 
HETATM 193 N N15    . I77 B 2 . ? 4.92390  0.08973   -3.86482  1.000 5.76712   ? 101 I77 A N15    1 
HETATM 194 O O16    . I77 B 2 . ? 6.49765  -0.16842  -6.14512  1.000 7.55018   ? 101 I77 A O16    1 
HETATM 195 O O19    . I77 B 2 . ? 4.36027  -10.56224 -10.25644 1.000 6.29951   ? 101 I77 A O19    1 
HETATM 196 H H111   . I77 B 2 . ? 5.39224  -3.59828  -4.86534  1.000 7.84484   ? 101 I77 A H111   1 
HETATM 197 H H171   . I77 B 2 . ? 5.78415  -1.36566  -8.49775  1.000 6.39736   ? 101 I77 A H171   1 
HETATM 198 H H181   . I77 B 2 . ? 5.57863  -3.50277  -9.74374  1.000 5.94875   ? 101 I77 A H181   1 
HETATM 199 H H041   . I77 B 2 . ? 4.61684  -9.19938  -8.21308  1.000 6.72696   ? 101 I77 A H041   1 
HETATM 200 H H051   . I77 B 2 . ? 4.94830  -7.09510  -6.95639  1.000 6.57521   ? 101 I77 A H051   1 
HETATM 201 H H061   . I77 B 2 . ? 5.15543  -7.00700  -11.82020 1.000 6.34634   ? 101 I77 A H061   1 
HETATM 202 H H011   . I77 B 2 . ? 4.77060  -8.63411  -12.70583 1.000 7.31692   ? 101 I77 A H011   1 
HETATM 203 H H012   . I77 B 2 . ? 4.41517  -10.32966 -12.76356 1.000 7.31692   ? 101 I77 A H012   1 
HETATM 204 H H141   . I77 B 2 . ? 4.33244  -1.81452  -4.48123  1.000 6.68479   ? 101 I77 A H141   1 
HETATM 205 H H1     . I77 B 2 . ? 4.13746  -0.02964  -3.24154  1.000 6.91428   ? 101 I77 A H1     1 
HETATM 206 C C05    A I6W C 3 . ? -7.13641 -7.90637  1.61629   0.860 4.37752   ? 102 I6W A C05    1 
HETATM 207 C C05    B I6W C 3 . ? -7.16826 -7.69144  1.90902   0.140 6.68384   ? 102 I6W A C05    1 
HETATM 208 C C08    A I6W C 3 . ? -6.97736 -8.10821  0.27811   0.860 4.68001   ? 102 I6W A C08    1 
HETATM 209 C C08    B I6W C 3 . ? -7.23456 -8.05768  0.60080   0.140 7.44542   ? 102 I6W A C08    1 
HETATM 210 C C09    A I6W C 3 . ? -7.12367 -9.50189  -0.27382  0.860 4.58622   ? 102 I6W A C09    1 
HETATM 211 C C09    B I6W C 3 . ? -7.40588 -9.52285  0.23953   0.140 8.40269   ? 102 I6W A C09    1 
HETATM 212 N N10    A I6W C 3 . ? -7.41992 -10.49176 0.55137   0.860 4.89649   ? 102 I6W A N10    1 
HETATM 213 N N10    B I6W C 3 . ? -7.47028 -10.43140 1.18430   0.140 8.19766   ? 102 I6W A N10    1 
HETATM 214 C C02    A I6W C 3 . ? -6.35109 -4.18315  1.61812   0.860 4.38528   ? 102 I6W A C02    1 
HETATM 215 C C02    B I6W C 3 . ? -6.77006 -3.92878  1.45319   0.140 5.42455   ? 102 I6W A C02    1 
HETATM 216 C C03    A I6W C 3 . ? -6.62772 -5.62457  1.23056   0.860 4.55574   ? 102 I6W A C03    1 
HETATM 217 C C03    B I6W C 3 . ? -6.93533 -5.43107  1.17915   0.140 6.02932   ? 102 I6W A C03    1 
HETATM 218 C C04    A I6W C 3 . ? -6.97394 -6.61673  2.12895   0.860 4.68916   ? 102 I6W A C04    1 
HETATM 219 C C04    B I6W C 3 . ? -7.01342 -6.33517  2.22446   0.140 6.43449   ? 102 I6W A C04    1 
HETATM 220 C C06    A I6W C 3 . ? -6.46306 -5.90958  -0.10671  0.860 5.12194   ? 102 I6W A C06    1 
HETATM 221 C C06    B I6W C 3 . ? -7.00802 -5.86622  -0.11928  0.140 6.49299   ? 102 I6W A C06    1 
HETATM 222 C C11    A I6W C 3 . ? -7.54002 -11.72540 0.09991   0.860 4.96698   ? 102 I6W A C11    1 
HETATM 223 C C11    B I6W C 3 . ? -7.62352 -11.70789 0.90724   0.140 8.49506   ? 102 I6W A C11    1 
HETATM 224 C C12    A I6W C 3 . ? -7.32447 -11.98649 -1.24883  0.860 5.12106   ? 102 I6W A C12    1 
HETATM 225 C C12    B I6W C 3 . ? -7.71685 -12.11872 -0.41026  0.140 9.07717   ? 102 I6W A C12    1 
HETATM 226 C C13    A I6W C 3 . ? -7.44156 -13.40114 -1.79252  0.860 5.35527   ? 102 I6W A C13    1 
HETATM 227 C C13    B I6W C 3 . ? -7.89591 -13.62910 -0.73201  0.140 9.50646   ? 102 I6W A C13    1 
HETATM 228 C C15    A I6W C 3 . ? -7.96556 -15.63587 -1.21817  0.860 6.69415   ? 102 I6W A C15    1 
HETATM 229 C C15    B I6W C 3 . ? -8.32348 -15.87096 -0.14602  0.140 10.16041  ? 102 I6W A C15    1 
HETATM 230 C C16    A I6W C 3 . ? -8.39125 -16.39148 0.05943   0.860 7.73790   ? 102 I6W A C16    1 
HETATM 231 C C16    B I6W C 3 . ? -8.65655 -16.81026 1.03740   0.140 10.58772  ? 102 I6W A C16    1 
HETATM 232 C C18    A I6W C 3 . ? -6.99599 -10.98277 -2.11054  0.860 5.78603   ? 102 I6W A C18    1 
HETATM 233 C C18    B I6W C 3 . ? -7.66133 -11.20225 -1.42823  0.140 9.36113   ? 102 I6W A C18    1 
HETATM 234 C C19    A I6W C 3 . ? -6.89155 -9.69934  -1.60585  0.860 5.22883   ? 102 I6W A C19    1 
HETATM 235 C C19    B I6W C 3 . ? -7.49967 -9.86266  -1.09014  0.140 9.00556   ? 102 I6W A C19    1 
HETATM 236 N N07    A I6W C 3 . ? -6.64449 -7.14717  -0.57675  0.860 5.50342   ? 102 I6W A N07    1 
HETATM 237 N N07    B I6W C 3 . ? -7.15733 -7.15600  -0.37449  0.140 7.05604   ? 102 I6W A N07    1 
HETATM 238 O O01    A I6W C 3 . ? -5.65321 -3.50036  0.91286   0.860 5.08064   ? 102 I6W A O01    1 
HETATM 239 O O01    B I6W C 3 . ? -6.00463 -3.26801  0.80863   0.140 5.06834   ? 102 I6W A O01    1 
HETATM 240 O O14    A I6W C 3 . ? -7.87250 -14.27632 -0.80883  0.860 6.04839   ? 102 I6W A O14    1 
HETATM 241 O O14    B I6W C 3 . ? -8.05614 -14.54760 0.33984   0.140 9.71831   ? 102 I6W A O14    1 
HETATM 242 O O17    A I6W C 3 . ? -7.16082 -13.71071 -2.90057  0.860 6.83279   ? 102 I6W A O17    1 
HETATM 243 O O17    B I6W C 3 . ? -7.90157 -13.99928 -1.84576  0.140 9.85473   ? 102 I6W A O17    1 
HETATM 244 H H051   A I6W C 3 . ? -7.38122 -8.72077  2.26239   0.860 5.24676   ? 102 I6W A H051   1 
HETATM 245 H H051   B I6W C 3 . ? -7.23316 -8.42532  2.68221   0.140 8.01434   ? 102 I6W A H051   1 
HETATM 246 H H041   A I6W C 3 . ? -7.11747 -6.39621  3.21760   0.860 5.62072   ? 102 I6W A H041   1 
HETATM 247 H H041   B I6W C 3 . ? -6.95458 -5.99244  3.28910   0.140 7.71512   ? 102 I6W A H041   1 
HETATM 248 H H061   A I6W C 3 . ? -6.18093 -5.11453  -0.79058  0.860 6.14006   ? 102 I6W A H061   1 
HETATM 249 H H061   B I6W C 3 . ? -6.94313 -5.15344  -0.93605  0.140 7.78533   ? 102 I6W A H061   1 
HETATM 250 H H111   A I6W C 3 . ? -7.80034 -12.51635 0.76388   0.860 5.95412   ? 102 I6W A H111   1 
HETATM 251 H H111   B I6W C 3 . ? -7.67561 -12.42310 1.69464   0.140 10.18781  ? 102 I6W A H111   1 
HETATM 252 H H152   A I6W C 3 . ? -7.00766 -15.99492 -1.57371  0.860 8.02672   ? 102 I6W A H152   1 
HETATM 253 H H152   B I6W C 3 . ? -7.44979 -16.24521 -0.66516  0.140 12.18622  ? 102 I6W A H152   1 
HETATM 254 H H151   A I6W C 3 . ? -8.70963 -15.75110 -1.99659  0.860 8.02672   ? 102 I6W A H151   1 
HETATM 255 H H151   B I6W C 3 . ? -9.16574 -15.83948 -0.82609  0.140 12.18622  ? 102 I6W A H151   1 
HETATM 256 H H162   A I6W C 3 . ? -9.46764 -16.22005 0.24708   0.860 9.27922   ? 102 I6W A H162   1 
HETATM 257 H H162   B I6W C 3 . ? -9.42978 -16.34070 1.67371   0.140 12.69900  ? 102 I6W A H162   1 
HETATM 258 H H163   A I6W C 3 . ? -7.80290 -16.02091 0.91953   0.860 9.27922   ? 102 I6W A H163   1 
HETATM 259 H H163   B I6W C 3 . ? -7.74322 -16.98670 1.63566   0.140 12.69900  ? 102 I6W A H163   1 
HETATM 260 H H161   A I6W C 3 . ? -8.20762 -17.47386 -0.07464  0.860 9.27922   ? 102 I6W A H161   1 
HETATM 261 H H161   B I6W C 3 . ? -9.03441 -17.77382 0.64750   0.140 12.69900  ? 102 I6W A H161   1 
HETATM 262 H H181   A I6W C 3 . ? -6.82045 -11.18468 -3.16720  0.860 6.93697   ? 102 I6W A H181   1 
HETATM 263 H H181   B I6W C 3 . ? -7.74122 -11.51237 -2.47012  0.140 11.22710  ? 102 I6W A H181   1 
HETATM 264 H H191   A I6W C 3 . ? -6.63050 -8.86595  -2.25473  0.860 6.26833   ? 102 I6W A H191   1 
HETATM 265 H H191   B I6W C 3 . ? -7.44841 -9.09829  -1.86270  0.140 10.80041  ? 102 I6W A H191   1 
HETATM 266 C C1     A OXE D 4 . ? 2.38596  -11.50103 -1.91713  0.635 6.72032   ? 103 OXE A C1     1 
HETATM 267 C C2     A OXE D 4 . ? 1.02210  -11.66115 -1.63351  0.635 7.22483   ? 103 OXE A C2     1 
HETATM 268 C C3     A OXE D 4 . ? 0.35686  -12.77328 -2.12879  0.635 8.50820   ? 103 OXE A C3     1 
HETATM 269 C C4     A OXE D 4 . ? 0.99887  -13.72589 -2.89443  0.635 9.35203   ? 103 OXE A C4     1 
HETATM 270 C C5     A OXE D 4 . ? 2.34295  -13.58251 -3.17583  0.635 9.15068   ? 103 OXE A C5     1 
HETATM 271 C C6     A OXE D 4 . ? 3.02380  -12.47273 -2.68111  0.635 7.94265   ? 103 OXE A C6     1 
HETATM 272 C "C1'"  A OXE D 4 . ? 3.15156  -10.31975 -1.39796  0.635 7.84872   ? 103 OXE A "C1'"  1 
HETATM 273 C "C2'"  A OXE D 4 . ? 0.25728  -10.67396 -0.80377  0.635 8.59696   ? 103 OXE A "C2'"  1 
HETATM 274 H H3     A OXE D 4 . ? -0.54738 -12.87752 -1.93805  0.635 10.20358  ? 103 OXE A H3     1 
HETATM 275 H H4     A OXE D 4 . ? 0.52507  -14.45836 -3.21680  0.635 11.21617  ? 103 OXE A H4     1 
HETATM 276 H H5     A OXE D 4 . ? 2.79149  -14.21584 -3.68828  0.635 10.97455  ? 103 OXE A H5     1 
HETATM 277 H H6     A OXE D 4 . ? 3.93027  -12.37639 -2.86534  0.635 9.52492   ? 103 OXE A H6     1 
HETATM 278 H "H1'1" A OXE D 4 . ? 2.76749  -9.48061  -1.69667  0.635 9.41220   ? 103 OXE A "H1'1" 1 
HETATM 279 H "H1'2" A OXE D 4 . ? 4.07530  -10.32951 -1.69376  0.635 9.41220   ? 103 OXE A "H1'2" 1 
HETATM 280 H "H1'3" A OXE D 4 . ? 3.16502  -10.29570 -0.42835  0.635 9.41220   ? 103 OXE A "H1'3" 1 
HETATM 281 H "H2'1" A OXE D 4 . ? 0.69464  -10.49848 0.04406   0.635 10.31009  ? 103 OXE A "H2'1" 1 
HETATM 282 H "H2'2" A OXE D 4 . ? 0.16123  -9.82037  -1.25440  0.635 10.31009  ? 103 OXE A "H2'2" 1 
HETATM 283 H "H2'3" A OXE D 4 . ? -0.63746 -10.98868 -0.60058  0.635 10.31009  ? 103 OXE A "H2'3" 1 
HETATM 284 C C01    . 8VH E 5 . ? 3.52315  -5.37909  -0.34115  1.000 18.55647  ? 104 8VH A C01    1 
HETATM 285 C C02    . 8VH E 5 . ? 2.34258  -4.98300  -0.94420  1.000 18.27913  ? 104 8VH A C02    1 
HETATM 286 C C03    . 8VH E 5 . ? 2.34529  -3.84788  -1.73884  1.000 18.21574  ? 104 8VH A C03    1 
HETATM 287 C C04    . 8VH E 5 . ? 3.49492  -3.10777  -1.95334  1.000 18.65745  ? 104 8VH A C04    1 
HETATM 288 C C05    . 8VH E 5 . ? 4.67733  -3.50884  -1.35116  1.000 19.31867  ? 104 8VH A C05    1 
HETATM 289 C C06    . 8VH E 5 . ? 4.68381  -4.64326  -0.54675  1.000 19.21116  ? 104 8VH A C06    1 
HETATM 290 C C07    . 8VH E 5 . ? 1.05915  -3.42163  -2.39065  1.000 18.33269  ? 104 8VH A C07    1 
HETATM 291 C C08    . 8VH E 5 . ? 3.56549  -6.63277  0.52600   1.000 18.39545  ? 104 8VH A C08    1 
HETATM 292 H H1     . 8VH E 5 . ? 1.43189  -5.55049  -0.79764  1.000 21.92869  ? 104 8VH A H1     1 
HETATM 293 H H2     . 8VH E 5 . ? 3.47109  -2.22709  -2.58320  1.000 22.38268  ? 104 8VH A H2     1 
HETATM 294 H H3     . 8VH E 5 . ? 5.58812  -2.94366  -1.50578  1.000 23.17613  ? 104 8VH A H3     1 
HETATM 295 H H4     . 8VH E 5 . ? 5.60615  -4.95750  -0.07406  1.000 23.04713  ? 104 8VH A H4     1 
HETATM 296 H H5     . 8VH E 5 . ? 0.43593  -4.29063  -2.56189  1.000 21.99296  ? 104 8VH A H5     1 
HETATM 297 H H6     . 8VH E 5 . ? 1.27588  -2.94075  -3.33652  1.000 21.99296  ? 104 8VH A H6     1 
HETATM 298 H H7     . 8VH E 5 . ? 0.53931  -2.72650  -1.74300  1.000 21.99296  ? 104 8VH A H7     1 
HETATM 299 H H8     . 8VH E 5 . ? 3.96215  -6.38315  1.50234   1.000 22.06827  ? 104 8VH A H8     1 
HETATM 300 H H9     . 8VH E 5 . ? 2.56414  -7.03088  0.63414   1.000 22.06827  ? 104 8VH A H9     1 
HETATM 301 H H10    . 8VH E 5 . ? 4.20027  -7.37460  0.05732   1.000 22.06827  ? 104 8VH A H10    1 
HETATM 302 C C01    B 8VH F 5 . ? 0.18424  -13.42546 -2.71849  0.317 21.44084  ? 105 8VH A C01    1 
HETATM 303 C C02    B 8VH F 5 . ? 1.45682  -13.86513 -2.99141  0.317 21.39767  ? 105 8VH A C02    1 
HETATM 304 C C03    B 8VH F 5 . ? 2.53272  -13.10195 -2.61323  0.317 21.44345  ? 105 8VH A C03    1 
HETATM 305 C C04    B 8VH F 5 . ? 2.36169  -11.89477 -1.96424  0.317 21.42453  ? 105 8VH A C04    1 
HETATM 306 C C05    B 8VH F 5 . ? 1.07982  -11.45248 -1.68924  0.317 21.48249  ? 105 8VH A C05    1 
HETATM 307 C C06    B 8VH F 5 . ? -0.01319 -12.21931 -2.06536  0.317 21.52233  ? 105 8VH A C06    1 
HETATM 308 C C07    B 8VH F 5 . ? 3.90514  -13.64173 -2.93912  0.317 21.52084  ? 105 8VH A C07    1 
HETATM 309 C C08    B 8VH F 5 . ? -0.97296 -14.30757 -3.15644  0.317 21.33901  ? 105 8VH A C08    1 
HETATM 310 H H1     B 8VH F 5 . ? 1.60992  -14.80799 -3.50177  0.317 25.67094  ? 105 8VH A H1     1 
HETATM 311 H H2     B 8VH F 5 . ? 3.22026  -11.30178 -1.67421  0.317 25.70317  ? 105 8VH A H2     1 
HETATM 312 H H3     B 8VH F 5 . ? 0.92991  -10.50816 -1.18064  0.317 25.77273  ? 105 8VH A H3     1 
HETATM 313 H H4     B 8VH F 5 . ? -1.01752 -11.87651 -1.84930  0.317 25.82053  ? 105 8VH A H4     1 
HETATM 314 H H5     B 8VH F 5 . ? 4.62840  -12.83661 -2.89978  0.317 25.81874  ? 105 8VH A H5     1 
HETATM 315 H H6     B 8VH F 5 . ? 3.89725  -14.07171 -3.93308  0.317 25.81874  ? 105 8VH A H6     1 
HETATM 316 H H7     B 8VH F 5 . ? 4.17381  -14.40393 -2.21818  0.317 25.81874  ? 105 8VH A H7     1 
HETATM 317 H H8     B 8VH F 5 . ? -1.57730 -14.56419 -2.29516  0.317 25.60054  ? 105 8VH A H8     1 
HETATM 318 H H9     B 8VH F 5 . ? -1.58018 -13.77472 -3.87771  0.317 25.60054  ? 105 8VH A H9     1 
HETATM 319 H H10    B 8VH F 5 . ? -0.58608 -15.21245 -3.60854  0.317 25.60054  ? 105 8VH A H10    1 
HETATM 320 C C1     . OXE G 4 . ? -1.73723 -9.21602  -3.75375  0.688 22.89604  ? 106 OXE A C1     1 
HETATM 321 C C2     . OXE G 4 . ? -0.45420 -9.51405  -4.26765  0.688 22.45588  ? 106 OXE A C2     1 
HETATM 322 C C3     . OXE G 4 . ? 0.60760  -8.65571  -3.99594  0.688 22.19452  ? 106 OXE A C3     1 
HETATM 323 C C4     . OXE G 4 . ? 0.43002  -7.51546  -3.22492  0.688 22.30717  ? 106 OXE A C4     1 
HETATM 324 C C5     . OXE G 4 . ? -0.83063 -7.22219  -2.72177  0.688 22.54037  ? 106 OXE A C5     1 
HETATM 325 C C6     . OXE G 4 . ? -1.90504 -8.06556  -2.98512  0.688 22.45707  ? 106 OXE A C6     1 
HETATM 326 C "C1'"  . OXE G 4 . ? -2.91896 -10.10538 -4.01810  0.688 22.85101  ? 106 OXE A "C1'"  1 
HETATM 327 C "C2'"  . OXE G 4 . ? -0.20538 -10.73424 -5.09760  0.688 22.75771  ? 106 OXE A "C2'"  1 
HETATM 328 H H3     . OXE G 4 . ? 1.44964  -8.85225  -4.33836  0.688 26.62716  ? 106 OXE A H3     1 
HETATM 329 H H4     . OXE G 4 . ? 1.15148  -6.95552  -3.04922  0.688 26.76234  ? 106 OXE A H4     1 
HETATM 330 H H5     . OXE G 4 . ? -0.96169 -6.45954  -2.20593  0.688 27.04218  ? 106 OXE A H5     1 
HETATM 331 H H6     . OXE G 4 . ? -2.74638 -7.86152  -2.64539  0.688 26.94222  ? 106 OXE A H6     1 
HETATM 332 H "H1'1" . OXE G 4 . ? -3.08292 -10.21566 -4.96777  0.688 27.41495  ? 106 OXE A "H1'1" 1 
HETATM 333 H "H1'2" . OXE G 4 . ? -3.73331 -9.74917  -3.62971  0.688 27.41495  ? 106 OXE A "H1'2" 1 
HETATM 334 H "H1'3" . OXE G 4 . ? -2.79326 -10.99296 -3.64757  0.688 27.41495  ? 106 OXE A "H1'3" 1 
HETATM 335 H "H2'1" . OXE G 4 . ? -0.50372 -11.54216 -4.65134  0.688 27.30299  ? 106 OXE A "H2'1" 1 
HETATM 336 H "H2'2" . OXE G 4 . ? -0.66916 -10.69355 -5.94857  0.688 27.30299  ? 106 OXE A "H2'2" 1 
HETATM 337 H "H2'3" . OXE G 4 . ? 0.73713  -10.85161 -5.29458  0.688 27.30299  ? 106 OXE A "H2'3" 1 
HETATM 338 O O      A HOH H 6 . ? 8.36729  -0.51552  -4.74865  0.706 120.16207 ? 201 HOH A O      1 
HETATM 339 O O      B HOH H 6 . ? 8.56181  -0.92761  -4.44192  0.294 35.70194  ? 201 HOH A O      1 
HETATM 340 O O      . HOH H 6 . ? -9.82541 1.68532   8.01593   1.000 12.81788  ? 202 HOH A O      1 
# 
loop_
_atom_site_anisotrop.id 
_atom_site_anisotrop.type_symbol 
_atom_site_anisotrop.pdbx_label_atom_id 
_atom_site_anisotrop.pdbx_label_alt_id 
_atom_site_anisotrop.pdbx_label_comp_id 
_atom_site_anisotrop.pdbx_label_asym_id 
_atom_site_anisotrop.pdbx_label_seq_id 
_atom_site_anisotrop.pdbx_PDB_ins_code 
_atom_site_anisotrop.U[1][1] 
_atom_site_anisotrop.U[2][2] 
_atom_site_anisotrop.U[3][3] 
_atom_site_anisotrop.U[1][2] 
_atom_site_anisotrop.U[1][3] 
_atom_site_anisotrop.U[2][3] 
_atom_site_anisotrop.pdbx_auth_seq_id 
_atom_site_anisotrop.pdbx_auth_comp_id 
_atom_site_anisotrop.pdbx_auth_asym_id 
_atom_site_anisotrop.pdbx_auth_atom_id 
1   N N     . LEU A 1 ? 0.07261 0.05967 0.04874 -0.01122 0.01264  -0.00506 2   LEU A N     
2   C CA    . LEU A 1 ? 0.07444 0.05632 0.03986 -0.00702 0.00114  -0.00288 2   LEU A CA    
3   C C     . LEU A 1 ? 0.07407 0.05469 0.03432 -0.00221 0.01064  -0.00464 2   LEU A C     
4   O O     . LEU A 1 ? 0.07443 0.05153 0.03670 -0.00640 0.00421  -0.00323 2   LEU A O     
5   C CB    . LEU A 1 ? 0.06567 0.06761 0.05592 -0.00717 0.00810  -0.01244 2   LEU A CB    
6   C CG    . LEU A 1 ? 0.08135 0.08250 0.06934 -0.00968 0.01547  -0.02151 2   LEU A CG    
7   C CD1   . LEU A 1 ? 0.12672 0.07439 0.10736 0.00779  0.00278  -0.02073 2   LEU A CD1   
8   C CD2   . LEU A 1 ? 0.10625 0.10476 0.07941 -0.01612 0.02338  -0.03261 2   LEU A CD2   
20  N N     . AIB A 2 ? 0.06655 0.05525 0.03772 -0.00651 0.01371  0.00395  3   AIB A N     
21  C CA    . AIB A 2 ? 0.07226 0.05153 0.04570 -0.00111 0.00497  0.00424  3   AIB A CA    
22  C C     . AIB A 2 ? 0.07673 0.05639 0.04776 -0.00101 0.00894  -0.00465 3   AIB A C     
23  O O     . AIB A 2 ? 0.07296 0.07076 0.04924 -0.02030 0.01172  -0.00369 3   AIB A O     
24  C CB1   . AIB A 2 ? 0.08353 0.06271 0.04001 -0.00729 0.00446  -0.00471 3   AIB A CB1   
25  C CB2   . AIB A 2 ? 0.07824 0.06716 0.05625 0.00066  0.00281  0.00840  3   AIB A CB2   
33  N N     . ALA A 3 ? 0.08046 0.05392 0.04912 -0.01102 0.01941  -0.00661 4   ALA A N     
34  C CA    . ALA A 3 ? 0.08532 0.07247 0.05957 -0.01362 0.02381  -0.01957 4   ALA A CA    
35  C C     . ALA A 3 ? 0.09648 0.07365 0.03653 -0.02266 0.01341  -0.01147 4   ALA A C     
36  O O     . ALA A 3 ? 0.10387 0.08216 0.05249 -0.03018 0.03298  -0.01292 4   ALA A O     
37  C CB    . ALA A 3 ? 0.11480 0.07445 0.06790 -0.01532 0.02924  -0.02391 4   ALA A CB    
43  N N     . AIB A 4 ? 0.09255 0.07175 0.03367 -0.02134 0.01015  -0.00527 5   AIB A N     
44  C CA    . AIB A 4 ? 0.11367 0.07384 0.03655 -0.02043 0.00204  0.00956  5   AIB A CA    
45  C C     . AIB A 4 ? 0.10260 0.07562 0.03931 -0.02239 0.00814  0.00603  5   AIB A C     
46  O O     . AIB A 4 ? 0.14715 0.09606 0.06086 -0.03666 0.00609  0.00846  5   AIB A O     
47  C CB1   . AIB A 4 ? 0.13627 0.09241 0.04104 -0.02723 0.00331  -0.00312 5   AIB A CB1   
48  C CB2   . AIB A 4 ? 0.10220 0.08896 0.04322 -0.01714 -0.00410 0.00545  5   AIB A CB2   
56  N N     . LEU A 5 ? 0.08714 0.06274 0.04548 -0.01575 0.00468  -0.00061 6   LEU A N     
57  C CA    . LEU A 5 ? 0.09019 0.06323 0.07063 -0.01231 -0.00052 -0.00839 6   LEU A CA    
58  C C     . LEU A 5 ? 0.09258 0.06373 0.07952 -0.02316 -0.00367 0.00239  6   LEU A C     
59  O O     . LEU A 5 ? 0.09880 0.07522 0.12747 -0.02348 -0.00361 0.00523  6   LEU A O     
60  C CB    . LEU A 5 ? 0.10385 0.07117 0.07361 -0.00535 -0.00374 -0.01885 6   LEU A CB    
61  C CG    . LEU A 5 ? 0.12651 0.10497 0.08914 -0.00040 0.00444  -0.04443 6   LEU A CG    
62  C CD1   . LEU A 5 ? 0.15335 0.09745 0.10075 0.00142  0.02338  -0.04437 6   LEU A CD1   
63  C CD2   . LEU A 5 ? 0.14129 0.11273 0.09486 0.03201  -0.00964 -0.04432 6   LEU A CD2   
75  N N     A MET A 6 ? 0.08023 0.06165 0.04864 -0.02352 0.00015  0.00732  7   MET A N     
76  N N     B MET A 6 ? 0.08472 0.07547 0.05354 -0.01766 0.00066  0.00635  7   MET A N     
77  C CA    A MET A 6 ? 0.06972 0.07534 0.04860 -0.02469 -0.00733 0.00430  7   MET A CA    
78  C CA    B MET A 6 ? 0.07651 0.09117 0.04954 -0.01627 0.00034  0.00753  7   MET A CA    
79  C C     A MET A 6 ? 0.06248 0.08762 0.05659 -0.01784 0.00067  0.00892  7   MET A C     
80  C C     B MET A 6 ? 0.06371 0.08931 0.05193 -0.01349 0.00006  0.01611  7   MET A C     
81  O O     A MET A 6 ? 0.06901 0.09286 0.06843 -0.01074 0.00757  0.00732  7   MET A O     
82  O O     B MET A 6 ? 0.06023 0.07856 0.05657 -0.01008 0.00008  0.02833  7   MET A O     
83  C CB    A MET A 6 ? 0.06489 0.07517 0.04849 -0.02484 -0.01592 0.00332  7   MET A CB    
84  C CB    B MET A 6 ? 0.08502 0.10234 0.05075 -0.00949 0.00236  0.00784  7   MET A CB    
85  C CG    A MET A 6 ? 0.08546 0.08158 0.04817 -0.01439 -0.01039 0.01089  7   MET A CG    
86  C CG    B MET A 6 ? 0.08774 0.11571 0.05009 -0.01787 0.01216  0.00904  7   MET A CG    
87  S SD    A MET A 6 ? 0.11632 0.09102 0.05919 -0.00803 -0.00352 0.01844  7   MET A SD    
88  S SD    B MET A 6 ? 0.11941 0.12229 0.05895 -0.01704 0.01323  0.01106  7   MET A SD    
89  C CE    A MET A 6 ? 0.12433 0.11089 0.09121 0.00277  -0.00430 -0.00550 7   MET A CE    
90  C CE    B MET A 6 ? 0.11920 0.11658 0.06805 -0.01167 -0.00591 0.01345  7   MET A CE    
109 N N     . GLN A 7 ? 0.06305 0.09510 0.05114 -0.00822 0.00367  0.01242  8   GLN A N     
110 C CA    . GLN A 7 ? 0.06609 0.08194 0.04690 -0.00776 0.00567  0.01135  8   GLN A CA    
111 C C     . GLN A 7 ? 0.07136 0.07119 0.03487 0.00138  0.00509  0.00248  8   GLN A C     
112 O O     . GLN A 7 ? 0.06976 0.06817 0.04547 -0.01234 0.01034  -0.00224 8   GLN A O     
113 C CB    . GLN A 7 ? 0.06076 0.09593 0.05356 -0.00646 0.00832  0.00698  8   GLN A CB    
114 C CG    . GLN A 7 ? 0.07071 0.10963 0.04621 0.00142  0.01014  0.00710  8   GLN A CG    
115 C CD    . GLN A 7 ? 0.06411 0.09415 0.04395 -0.00024 0.01077  0.02026  8   GLN A CD    
116 O OE1   . GLN A 7 ? 0.07161 0.08041 0.05482 -0.00728 0.01032  0.00867  8   GLN A OE1   
117 N NE2   . GLN A 7 ? 0.08608 0.13976 0.05668 0.01186  0.00863  0.01358  8   GLN A NE2   
126 N N     . AIB A 8 ? 0.07639 0.08244 0.03685 0.00252  0.00449  -0.00727 9   AIB A N     
127 C CA    . AIB A 8 ? 0.09966 0.07323 0.06485 -0.00707 0.00182  -0.00559 9   AIB A CA    
128 C C     . AIB A 8 ? 0.09074 0.07468 0.07692 -0.02055 0.00872  0.00054  9   AIB A C     
129 O O     . AIB A 8 ? 0.09629 0.09183 0.11451 -0.02709 0.00924  0.00952  9   AIB A O     
130 C CB1   . AIB A 8 ? 0.11462 0.06148 0.08151 -0.00934 0.00027  -0.00180 9   AIB A CB1   
131 C CB2   . AIB A 8 ? 0.13030 0.08555 0.06966 -0.00249 -0.00980 -0.01315 9   AIB A CB2   
139 N N     A LEU A 9 ? 0.07070 0.07073 0.07235 -0.01530 0.00841  -0.00248 10  LEU A N     
140 N N     B LEU A 9 ? 0.08792 0.08626 0.06944 -0.01676 0.00884  -0.00510 10  LEU A N     
141 C CA    A LEU A 9 ? 0.05899 0.08360 0.07122 -0.01283 0.00749  -0.00068 10  LEU A CA    
142 C CA    B LEU A 9 ? 0.08684 0.09827 0.06284 -0.01306 0.00887  -0.00966 10  LEU A CA    
143 C C     A LEU A 9 ? 0.06141 0.09737 0.07065 0.00588  0.00891  -0.00347 10  LEU A C     
144 C C     B LEU A 9 ? 0.07580 0.09684 0.05712 -0.00835 0.01240  -0.00706 10  LEU A C     
145 O O     A LEU A 9 ? 0.08221 0.12510 0.08549 0.01530  0.00238  -0.01095 10  LEU A O     
146 O O     B LEU A 9 ? 0.07421 0.10842 0.05645 -0.00349 0.01140  -0.01030 10  LEU A O     
147 C CB    A LEU A 9 ? 0.06544 0.09850 0.06961 -0.00338 -0.00466 -0.01198 10  LEU A CB    
148 C CB    B LEU A 9 ? 0.09645 0.11138 0.06312 -0.01353 0.00421  -0.01797 10  LEU A CB    
149 C CG    A LEU A 9 ? 0.10175 0.11241 0.07310 -0.00448 -0.01534 -0.02228 10  LEU A CG    
150 C CG    B LEU A 9 ? 0.11193 0.11749 0.06567 -0.01514 0.00057  -0.02363 10  LEU A CG    
151 C CD1   A LEU A 9 ? 0.12402 0.12462 0.06835 0.00985  -0.00156 -0.02351 10  LEU A CD1   
152 C CD1   B LEU A 9 ? 0.11429 0.11876 0.06802 -0.01815 0.00053  -0.02517 10  LEU A CD1   
153 C CD2   A LEU A 9 ? 0.13990 0.10733 0.10950 -0.02106 -0.01639 -0.03074 10  LEU A CD2   
154 C CD2   B LEU A 9 ? 0.11226 0.11674 0.06673 -0.01679 -0.00292 -0.02483 10  LEU A CD2   
177 C C11   . I77 B . ? 0.10138 0.08571 0.06150 0.00749  0.01055  -0.00795 101 I77 A C11   
178 C C12   . I77 B . ? 0.06722 0.08126 0.06779 0.00248  0.00943  -0.01160 101 I77 A C12   
179 C C13   . I77 B . ? 0.07768 0.08302 0.05801 -0.00587 0.00897  -0.01482 101 I77 A C13   
180 C C17   . I77 B . ? 0.06528 0.07595 0.06153 0.00321  0.00204  -0.00956 101 I77 A C17   
181 C C18   . I77 B . ? 0.06088 0.07328 0.05440 0.00563  -0.00304 -0.00716 101 I77 A C18   
182 C C02   . I77 B . ? 0.06444 0.05702 0.07022 0.00602  -0.00156 0.00378  101 I77 A C02   
183 C C03   . I77 B . ? 0.06516 0.06199 0.06658 0.00564  0.00511  0.00232  101 I77 A C03   
184 C C04   . I77 B . ? 0.08323 0.06712 0.06283 0.00402  0.01177  0.00195  101 I77 A C04   
185 C C05   . I77 B . ? 0.09173 0.06672 0.04994 0.00007  0.01099  0.00869  101 I77 A C05   
186 C C06   . I77 B . ? 0.07713 0.06664 0.05737 -0.00045 -0.00444 -0.00008 101 I77 A C06   
187 C C08   . I77 B . ? 0.05917 0.06566 0.05032 0.00702  0.00282  0.00223  101 I77 A C08   
188 C C09   . I77 B . ? 0.06707 0.07233 0.05263 0.00921  0.00568  -0.00383 101 I77 A C09   
189 N N01   . I77 B . ? 0.09732 0.06934 0.06522 -0.00117 0.00090  -0.00106 101 I77 A N01   
190 N N07   . I77 B . ? 0.07649 0.07182 0.05512 0.00194  -0.00014 0.00220  101 I77 A N07   
191 N N10   . I77 B . ? 0.10203 0.07817 0.06529 0.00970  0.01722  -0.00258 101 I77 A N10   
192 N N14   . I77 B . ? 0.08251 0.07794 0.05140 -0.00140 0.01864  -0.00657 101 I77 A N14   
193 N N15   . I77 B . ? 0.07335 0.09045 0.05533 -0.00587 0.01177  -0.00693 101 I77 A N15   
194 O O16   . I77 B . ? 0.10571 0.09818 0.08299 -0.03361 0.03126  -0.02192 101 I77 A O16   
195 O O19   . I77 B . ? 0.09950 0.06066 0.07919 0.00185  -0.00540 0.00360  101 I77 A O19   
206 C C05   A I6W C . ? 0.06037 0.05445 0.05150 0.00027  0.01142  -0.01369 102 I6W A C05   
207 C C05   B I6W C . ? 0.04337 0.09232 0.11827 -0.01663 0.01586  -0.03550 102 I6W A C05   
208 C C08   A I6W C . ? 0.06883 0.05891 0.05008 -0.00194 0.00769  -0.01192 102 I6W A C08   
209 C C08   B I6W C . ? 0.05936 0.09631 0.12722 -0.02168 0.01416  -0.03750 102 I6W A C08   
210 C C09   A I6W C . ? 0.06441 0.05622 0.05363 -0.00309 0.00698  -0.00920 102 I6W A C09   
211 C C09   B I6W C . ? 0.07449 0.10296 0.14181 -0.02215 0.00972  -0.04130 102 I6W A C09   
212 N N10   A I6W C . ? 0.06438 0.05896 0.06270 -0.00104 0.00019  -0.00876 102 I6W A N10   
213 N N10   B I6W C . ? 0.06445 0.09915 0.14787 -0.02512 0.00941  -0.03957 102 I6W A N10   
214 C C02   A I6W C . ? 0.06978 0.05592 0.04092 -0.00471 0.00677  -0.00665 102 I6W A C02   
215 C C02   B I6W C . ? 0.06352 0.07110 0.07150 -0.01174 0.01482  -0.01704 102 I6W A C02   
216 C C03   A I6W C . ? 0.06368 0.05937 0.05003 -0.00877 0.01055  -0.01145 102 I6W A C03   
217 C C03   B I6W C . ? 0.04783 0.08251 0.09874 -0.01532 0.01831  -0.02835 102 I6W A C03   
218 C C04   A I6W C . ? 0.06828 0.05510 0.05479 -0.00523 0.01278  -0.01395 102 I6W A C04   
219 C C04   B I6W C . ? 0.04716 0.08836 0.10896 -0.01071 0.01515  -0.03340 102 I6W A C04   
220 C C06   A I6W C . ? 0.07765 0.06896 0.04799 -0.02073 0.00482  -0.00680 102 I6W A C06   
221 C C06   B I6W C . ? 0.04784 0.09027 0.10859 -0.01862 0.01676  -0.03134 102 I6W A C06   
222 C C11   A I6W C . ? 0.05814 0.05799 0.07260 -0.00022 -0.00941 -0.01385 102 I6W A C11   
223 C C11   B I6W C . ? 0.06853 0.10161 0.15264 -0.02669 0.00989  -0.04041 102 I6W A C11   
224 C C12   A I6W C . ? 0.06641 0.06278 0.06539 0.00114  -0.00797 -0.01670 102 I6W A C12   
225 C C12   B I6W C . ? 0.08034 0.10578 0.15878 -0.02802 0.01102  -0.04269 102 I6W A C12   
226 C C13   A I6W C . ? 0.07866 0.05652 0.06829 -0.00242 -0.01301 -0.01358 102 I6W A C13   
227 C C13   B I6W C . ? 0.08565 0.10818 0.16736 -0.02974 0.01343  -0.04464 102 I6W A C13   
228 C C15   A I6W C . ? 0.08005 0.06673 0.10757 -0.01417 0.00286  -0.02161 102 I6W A C15   
229 C C15   B I6W C . ? 0.10321 0.11147 0.17136 -0.02606 0.01088  -0.04600 102 I6W A C15   
230 C C16   A I6W C . ? 0.11697 0.06903 0.10800 -0.00543 -0.03228 -0.00535 102 I6W A C16   
231 C C16   B I6W C . ? 0.11348 0.11657 0.17222 -0.02399 0.01309  -0.04769 102 I6W A C16   
232 C C18   A I6W C . ? 0.09188 0.06333 0.06463 -0.00037 -0.00579 -0.01227 102 I6W A C18   
233 C C18   B I6W C . ? 0.09259 0.10905 0.15404 -0.02000 0.01005  -0.04430 102 I6W A C18   
234 C C19   A I6W C . ? 0.09529 0.05203 0.05135 -0.00880 -0.00213 -0.01085 102 I6W A C19   
235 C C19   B I6W C . ? 0.08632 0.10804 0.14783 -0.02024 0.00929  -0.04417 102 I6W A C19   
236 N N07   A I6W C . ? 0.09402 0.06715 0.04794 -0.01458 0.01077  -0.00998 102 I6W A N07   
237 N N07   B I6W C . ? 0.05342 0.09536 0.11933 -0.02162 0.01405  -0.03572 102 I6W A N07   
238 O O01   A I6W C . ? 0.08590 0.06610 0.04105 -0.01397 0.00869  -0.00841 102 I6W A O01   
239 O O01   B I6W C . ? 0.06745 0.06260 0.06252 -0.00338 0.00670  -0.01080 102 I6W A O01   
240 O O14   A I6W C . ? 0.07703 0.05771 0.09507 -0.00654 -0.00017 -0.02158 102 I6W A O14   
241 O O14   B I6W C . ? 0.09229 0.10958 0.16739 -0.02579 0.00960  -0.04572 102 I6W A O14   
242 O O17   A I6W C . ? 0.11636 0.07805 0.06520 0.00328  -0.00498 -0.02519 102 I6W A O17   
243 O O17   B I6W C . ? 0.08976 0.10943 0.17524 -0.03441 0.01792  -0.04546 102 I6W A O17   
266 C C1    A OXE D . ? 0.11246 0.08771 0.05518 0.00041  0.01468  0.02446  103 OXE A C1    
267 C C2    A OXE D . ? 0.12232 0.10158 0.05061 0.00930  -0.00124 0.02827  103 OXE A C2    
268 C C3    A OXE D . ? 0.15144 0.11995 0.05189 -0.00518 -0.02000 0.02680  103 OXE A C3    
269 C C4    A OXE D . ? 0.17582 0.11979 0.05973 -0.00248 -0.01971 0.01968  103 OXE A C4    
270 C C5    A OXE D . ? 0.17765 0.11318 0.05685 0.01486  -0.00580 0.01487  103 OXE A C5    
271 C C6    A OXE D . ? 0.14590 0.10095 0.05494 0.01212  0.01007  0.01833  103 OXE A C6    
272 C "C1'" A OXE D . ? 0.13080 0.09960 0.06781 -0.01051 0.02106  0.01027  103 OXE A "C1'" 
273 C "C2'" A OXE D . ? 0.14520 0.11971 0.06172 0.01327  0.00926  0.01052  103 OXE A "C2'" 
284 C C01   . 8VH E . ? 0.28298 0.21853 0.20356 0.03421  0.03243  0.05929  104 8VH A C01   
285 C C02   . 8VH E . ? 0.28258 0.21258 0.19937 0.04178  0.03359  0.06218  104 8VH A C02   
286 C C03   . 8VH E . ? 0.27657 0.21273 0.20282 0.03899  0.03180  0.05904  104 8VH A C03   
287 C C04   . 8VH E . ? 0.27963 0.21656 0.21271 0.02764  0.03409  0.05351  104 8VH A C04   
288 C C05   . 8VH E . ? 0.28686 0.22548 0.22167 0.03315  0.01963  0.04702  104 8VH A C05   
289 C C06   . 8VH E . ? 0.28585 0.22803 0.21605 0.02752  0.02453  0.04970  104 8VH A C06   
290 C C07   . 8VH E . ? 0.28307 0.21331 0.20018 0.03690  0.02657  0.06178  104 8VH A C07   
291 C C08   . 8VH E . ? 0.28320 0.22207 0.19367 0.02806  0.03880  0.06371  104 8VH A C08   
302 C C01   B 8VH F . ? 0.33760 0.33370 0.14336 0.02018  -0.04958 -0.05333 105 8VH A C01   
303 C C02   B 8VH F . ? 0.33822 0.33303 0.14176 0.02002  -0.05286 -0.05103 105 8VH A C02   
304 C C03   B 8VH F . ? 0.34110 0.33133 0.14233 0.02100  -0.05370 -0.04824 105 8VH A C03   
305 C C04   B 8VH F . ? 0.34144 0.32904 0.14356 0.02386  -0.05494 -0.04793 105 8VH A C04   
306 C C05   B 8VH F . ? 0.34234 0.32909 0.14481 0.02445  -0.05617 -0.04877 105 8VH A C05   
307 C C06   B 8VH F . ? 0.34102 0.33085 0.14587 0.02189  -0.05403 -0.05121 105 8VH A C06   
308 C C07   B 8VH F . ? 0.34383 0.32988 0.14398 0.01894  -0.05137 -0.04631 105 8VH A C07   
309 C C08   B 8VH F . ? 0.33193 0.33731 0.14154 0.01728  -0.04440 -0.05678 105 8VH A C08   
320 C C1    . OXE G . ? 0.46987 0.25314 0.14693 0.05993  -0.04293 0.04074  106 OXE A C1    
321 C C2    . OXE G . ? 0.45948 0.24608 0.14765 0.06698  -0.04032 0.04207  106 OXE A C2    
322 C C3    . OXE G . ? 0.45419 0.24196 0.14714 0.06950  -0.03947 0.04156  106 OXE A C3    
323 C C4    . OXE G . ? 0.46107 0.24266 0.14384 0.07022  -0.03323 0.03888  106 OXE A C4    
324 C C5    . OXE G . ? 0.46706 0.24679 0.14259 0.06900  -0.03391 0.03638  106 OXE A C5    
325 C C6    . OXE G . ? 0.46227 0.24677 0.14423 0.06461  -0.03940 0.03872  106 OXE A C6    
326 C "C1'" . OXE G . ? 0.46556 0.25360 0.14906 0.05103  -0.04531 0.04660  106 OXE A "C1'" 
327 C "C2'" . OXE G . ? 0.46438 0.25330 0.14701 0.07083  -0.04014 0.03989  106 OXE A "C2'" 
338 O O     A HOH H . ? 1.51771 1.65496 1.39294 -0.04723 -0.12924 -0.03202 201 HOH A O     
339 O O     B HOH H . ? 0.40100 0.73463 0.22088 0.05664  0.03417  -0.10475 201 HOH A O     
340 O O     . HOH H . ? 0.21081 0.09966 0.17656 -0.04514 0.04776  -0.01273 202 HOH A O     
# 
